data_5L92
#
_entry.id   5L92
#
_cell.length_a   60.495
_cell.length_b   135.701
_cell.length_c   61.567
_cell.angle_alpha   90.000
_cell.angle_beta   114.420
_cell.angle_gamma   90.000
#
_symmetry.space_group_name_H-M   'P 1 21 1'
#
loop_
_entity.id
_entity.type
_entity.pdbx_description
1 polymer 'Cytochrome P450'
2 non-polymer 'PROTOPORPHYRIN IX CONTAINING FE'
3 non-polymer CORTICOSTERONE
4 non-polymer 'MALONIC ACID'
5 water water
#
_entity_poly.entity_id   1
_entity_poly.type   'polypeptide(L)'
_entity_poly.pdbx_seq_one_letter_code
;MKTERENGIVRQVNTIQTKEERFNPFSWYEEMRNTAPVQWDEERQVWDVFHYDGVKEVLEQKNIFSSDRRPPQNQRQTAL
GTSLINIDPPKHAEMRALVNKAFTPKAMKAWEPKIARITNELLQEVEHLEDIDIVEHLSYPLPVMVIADILGVPIEDQRQ
FKDWSDIIVAGPSNNERETLEKLQQEKMKANDELETYFYRIIEEKRTRPGDDIISVLLQAKEEGKQLTDEEIVGFSILLL
IAGNETTTNLISNTIYCLMEDKASFERLKREKELLPSGIEEVLRYRSPVQALHRIVKEDVTLAGKKLKAGEHVVPWMGSA
HRDAEYFEDPEVFKIDRKPNVHMAFGRGIHFCLGAPLARIEAKIMLAELIDRYPQMDWSPSFELKPIESTFVYGLKELLI
RKNVHHHHHH
;
_entity_poly.pdbx_strand_id   A,B
#
loop_
_chem_comp.id
_chem_comp.type
_chem_comp.name
_chem_comp.formula
C0R non-polymer CORTICOSTERONE 'C21 H30 O4'
HEM non-polymer 'PROTOPORPHYRIN IX CONTAINING FE' 'C34 H32 Fe N4 O4'
MLA non-polymer 'MALONIC ACID' 'C3 H4 O4'
#
# COMPACT_ATOMS: atom_id res chain seq x y z
N ILE A 16 38.83 -4.11 15.51
CA ILE A 16 37.75 -4.71 14.75
C ILE A 16 36.67 -5.22 15.70
N GLN A 17 35.46 -5.36 15.16
CA GLN A 17 34.49 -6.35 15.61
C GLN A 17 33.68 -6.72 14.39
N THR A 18 33.71 -8.00 14.00
CA THR A 18 33.02 -8.41 12.79
C THR A 18 31.52 -8.15 12.91
N LYS A 19 30.83 -8.35 11.80
CA LYS A 19 29.38 -8.20 11.79
C LYS A 19 28.75 -9.09 12.85
N GLU A 20 29.20 -10.34 12.89
CA GLU A 20 28.58 -11.34 13.75
C GLU A 20 28.79 -11.00 15.22
N GLU A 21 29.94 -10.43 15.57
CA GLU A 21 30.14 -10.01 16.96
C GLU A 21 29.28 -8.79 17.28
N ARG A 22 29.22 -7.81 16.38
CA ARG A 22 28.32 -6.67 16.56
C ARG A 22 26.86 -7.10 16.76
N PHE A 23 26.41 -8.09 16.02
CA PHE A 23 25.03 -8.52 16.20
C PHE A 23 24.85 -9.47 17.37
N ASN A 24 25.92 -9.86 18.04
CA ASN A 24 25.85 -10.76 19.19
C ASN A 24 26.75 -10.20 20.29
N PRO A 25 26.32 -9.11 20.92
CA PRO A 25 27.06 -8.52 22.04
C PRO A 25 26.87 -9.23 23.37
N PHE A 26 26.15 -10.36 23.39
CA PHE A 26 25.66 -10.88 24.67
C PHE A 26 26.76 -11.55 25.51
N SER A 27 27.83 -12.04 24.92
CA SER A 27 28.93 -12.56 25.72
C SER A 27 29.64 -11.44 26.49
N TRP A 28 29.83 -10.30 25.83
CA TRP A 28 30.34 -9.10 26.49
C TRP A 28 29.45 -8.66 27.65
N TYR A 29 28.14 -8.50 27.39
CA TYR A 29 27.20 -8.17 28.46
C TYR A 29 27.35 -9.12 29.65
N GLU A 30 27.40 -10.42 29.37
CA GLU A 30 27.48 -11.41 30.45
C GLU A 30 28.76 -11.23 31.26
N GLU A 31 29.91 -11.14 30.57
CA GLU A 31 31.17 -10.85 31.23
C GLU A 31 31.02 -9.68 32.21
N MET A 32 30.49 -8.56 31.74
CA MET A 32 30.40 -7.35 32.58
C MET A 32 29.41 -7.53 33.72
N ARG A 33 28.23 -8.11 33.42
CA ARG A 33 27.25 -8.38 34.47
C ARG A 33 27.86 -9.15 35.62
N ASN A 34 28.72 -10.12 35.33
CA ASN A 34 29.24 -11.03 36.35
C ASN A 34 30.50 -10.53 37.03
N THR A 35 30.97 -9.33 36.69
CA THR A 35 32.18 -8.79 37.30
C THR A 35 31.91 -7.41 37.89
N ALA A 36 31.56 -6.45 37.04
CA ALA A 36 31.33 -5.07 37.47
C ALA A 36 30.21 -4.49 36.62
N PRO A 37 28.94 -4.69 37.03
CA PRO A 37 27.83 -4.28 36.19
C PRO A 37 27.66 -2.76 36.07
N VAL A 38 28.32 -1.97 36.91
CA VAL A 38 28.34 -0.51 36.79
C VAL A 38 29.80 -0.13 36.63
N GLN A 39 30.17 0.43 35.48
CA GLN A 39 31.57 0.79 35.36
C GLN A 39 31.81 1.90 34.35
N TRP A 40 32.79 2.74 34.72
CA TRP A 40 33.16 3.86 33.88
C TRP A 40 34.03 3.35 32.75
N ASP A 41 33.63 3.69 31.53
CA ASP A 41 34.42 3.38 30.35
C ASP A 41 35.18 4.63 29.92
N GLU A 42 36.50 4.56 30.03
CA GLU A 42 37.35 5.71 29.74
C GLU A 42 37.20 6.16 28.29
N GLU A 43 37.36 5.21 27.37
CA GLU A 43 37.22 5.51 25.94
C GLU A 43 35.91 6.22 25.63
N ARG A 44 34.77 5.57 25.91
CA ARG A 44 33.48 6.16 25.55
C ARG A 44 32.99 7.20 26.53
N GLN A 45 33.67 7.39 27.67
CA GLN A 45 33.31 8.52 28.56
C GLN A 45 31.88 8.38 29.11
N VAL A 46 31.51 7.17 29.53
CA VAL A 46 30.19 6.90 30.08
C VAL A 46 30.30 5.88 31.20
N TRP A 47 29.31 5.89 32.08
CA TRP A 47 29.04 4.79 32.99
C TRP A 47 28.11 3.80 32.30
N ASP A 48 28.61 2.61 32.01
CA ASP A 48 27.79 1.50 31.57
C ASP A 48 27.09 0.84 32.75
N VAL A 49 25.83 0.45 32.56
CA VAL A 49 25.01 -0.24 33.56
C VAL A 49 24.42 -1.51 32.93
N PHE A 50 24.83 -2.67 33.42
CA PHE A 50 24.55 -3.93 32.75
C PHE A 50 23.57 -4.84 33.47
N HIS A 51 23.36 -4.67 34.75
CA HIS A 51 22.48 -5.58 35.46
C HIS A 51 21.09 -5.00 35.56
N TYR A 52 20.13 -5.92 35.69
CA TYR A 52 18.71 -5.57 35.59
C TYR A 52 18.33 -4.51 36.60
N ASP A 53 18.77 -4.69 37.85
CA ASP A 53 18.35 -3.78 38.90
C ASP A 53 18.93 -2.39 38.65
N GLY A 54 20.13 -2.34 38.10
CA GLY A 54 20.73 -1.06 37.74
C GLY A 54 20.00 -0.37 36.60
N VAL A 55 19.71 -1.13 35.53
CA VAL A 55 18.97 -0.53 34.42
C VAL A 55 17.63 -0.01 34.91
N LYS A 56 16.92 -0.83 35.71
CA LYS A 56 15.63 -0.44 36.26
C LYS A 56 15.74 0.85 37.08
N GLU A 57 16.75 0.92 37.97
CA GLU A 57 16.90 2.08 38.85
C GLU A 57 17.21 3.34 38.05
N VAL A 58 18.10 3.24 37.06
CA VAL A 58 18.45 4.40 36.25
C VAL A 58 17.23 4.94 35.54
N LEU A 59 16.41 4.05 34.95
CA LEU A 59 15.24 4.49 34.20
C LEU A 59 14.09 4.94 35.09
N GLU A 60 13.94 4.40 36.31
CA GLU A 60 12.86 4.87 37.18
C GLU A 60 13.20 6.20 37.82
N GLN A 61 14.47 6.46 38.13
CA GLN A 61 14.84 7.64 38.91
C GLN A 61 15.06 8.83 37.97
N LYS A 62 13.93 9.30 37.44
CA LYS A 62 13.85 10.38 36.46
C LYS A 62 14.42 11.70 36.97
N ASN A 63 14.32 11.96 38.27
CA ASN A 63 14.81 13.22 38.81
C ASN A 63 16.29 13.17 39.13
N ILE A 64 16.90 11.99 39.07
CA ILE A 64 18.34 11.86 39.21
C ILE A 64 19.02 11.64 37.87
N PHE A 65 18.45 10.78 37.03
CA PHE A 65 19.03 10.41 35.75
C PHE A 65 18.20 11.12 34.69
N SER A 66 18.73 12.24 34.21
CA SER A 66 18.00 13.15 33.35
C SER A 66 17.96 12.64 31.93
N SER A 67 16.88 13.01 31.24
CA SER A 67 16.69 12.76 29.87
C SER A 67 16.94 14.04 29.02
N ASP A 68 17.25 15.14 29.68
CA ASP A 68 17.54 16.39 29.00
C ASP A 68 18.93 16.33 28.40
N ARG A 69 18.99 16.24 27.10
CA ARG A 69 20.25 16.13 26.42
C ARG A 69 20.57 17.48 25.81
N ARG A 70 21.54 18.16 26.39
CA ARG A 70 21.90 19.47 25.92
C ARG A 70 23.03 19.35 24.98
N PRO A 71 22.97 20.23 23.92
CA PRO A 71 24.06 20.12 22.97
C PRO A 71 25.18 21.08 23.27
N GLN A 75 25.94 24.60 18.99
CA GLN A 75 25.31 24.87 20.28
C GLN A 75 23.83 25.29 20.14
N ARG A 76 23.07 24.73 19.20
CA ARG A 76 21.67 25.10 19.08
C ARG A 76 20.71 23.95 19.17
N GLN A 77 19.86 23.95 20.18
CA GLN A 77 18.82 22.92 20.36
C GLN A 77 17.93 22.69 19.13
N THR A 78 17.44 21.50 18.98
CA THR A 78 16.62 21.12 17.87
C THR A 78 15.16 20.93 18.26
N ALA A 79 14.29 20.78 17.29
CA ALA A 79 12.89 20.56 17.56
C ALA A 79 12.81 19.21 18.25
N LEU A 80 13.64 18.27 17.81
CA LEU A 80 13.72 16.98 18.49
C LEU A 80 14.08 17.13 19.97
N GLY A 81 14.93 18.09 20.30
CA GLY A 81 15.31 18.33 21.68
C GLY A 81 14.20 18.86 22.57
N THR A 82 13.07 19.27 22.01
CA THR A 82 11.90 19.66 22.80
C THR A 82 10.87 18.55 22.90
N SER A 83 11.09 17.43 22.25
CA SER A 83 10.10 16.36 22.26
C SER A 83 10.17 15.54 23.56
N LEU A 84 9.08 14.83 23.80
CA LEU A 84 8.85 13.93 24.93
C LEU A 84 10.07 13.17 25.37
N ILE A 85 10.81 12.60 24.43
CA ILE A 85 11.92 11.72 24.80
C ILE A 85 13.08 12.47 25.44
N ASN A 86 13.14 13.81 25.30
CA ASN A 86 14.27 14.63 25.73
C ASN A 86 13.90 15.69 26.75
N ILE A 87 12.77 15.54 27.46
CA ILE A 87 12.39 16.52 28.47
C ILE A 87 12.07 15.82 29.77
N ASP A 88 12.33 16.52 30.86
CA ASP A 88 12.18 16.07 32.24
C ASP A 88 10.88 16.59 32.82
N PRO A 89 10.47 16.06 33.98
CA PRO A 89 9.31 16.66 34.64
C PRO A 89 9.61 18.09 35.09
N PRO A 90 8.57 18.93 35.26
CA PRO A 90 7.12 18.72 35.09
C PRO A 90 6.61 18.90 33.65
N LYS A 91 7.45 19.44 32.76
CA LYS A 91 7.09 19.59 31.36
C LYS A 91 6.77 18.24 30.68
N HIS A 92 7.42 17.15 31.11
CA HIS A 92 7.17 15.87 30.42
C HIS A 92 5.73 15.44 30.59
N ALA A 93 5.21 15.51 31.81
CA ALA A 93 3.86 15.02 32.07
C ALA A 93 2.81 15.82 31.31
N GLU A 94 2.96 17.15 31.27
CA GLU A 94 2.07 18.00 30.49
C GLU A 94 2.08 17.62 29.01
N MET A 95 3.27 17.43 28.41
CA MET A 95 3.33 17.09 26.99
C MET A 95 2.70 15.72 26.72
N ARG A 96 3.09 14.72 27.51
CA ARG A 96 2.60 13.37 27.32
C ARG A 96 1.09 13.32 27.52
N ALA A 97 0.57 14.17 28.40
CA ALA A 97 -0.86 14.23 28.65
C ALA A 97 -1.64 14.54 27.38
N LEU A 98 -1.07 15.30 26.45
CA LEU A 98 -1.79 15.74 25.26
C LEU A 98 -1.94 14.66 24.20
N VAL A 99 -1.13 13.60 24.27
CA VAL A 99 -1.11 12.56 23.24
C VAL A 99 -1.43 11.19 23.79
N ASN A 100 -1.48 11.01 25.10
CA ASN A 100 -1.64 9.67 25.68
C ASN A 100 -2.87 8.97 25.12
N LYS A 101 -4.04 9.61 25.21
CA LYS A 101 -5.27 8.95 24.80
C LYS A 101 -5.21 8.48 23.36
N ALA A 102 -4.50 9.20 22.49
CA ALA A 102 -4.43 8.76 21.10
C ALA A 102 -3.67 7.44 20.88
N PHE A 103 -2.92 6.92 21.87
CA PHE A 103 -2.06 5.76 21.65
C PHE A 103 -2.28 4.60 22.64
N THR A 104 -3.41 4.56 23.32
CA THR A 104 -3.68 3.45 24.23
C THR A 104 -3.85 2.15 23.43
N PRO A 105 -3.79 1.01 24.12
CA PRO A 105 -4.10 -0.25 23.43
C PRO A 105 -5.47 -0.23 22.77
N LYS A 106 -6.47 0.36 23.42
CA LYS A 106 -7.79 0.34 22.80
C LYS A 106 -7.87 1.31 21.63
N ALA A 107 -7.18 2.45 21.72
CA ALA A 107 -7.12 3.34 20.56
C ALA A 107 -6.55 2.62 19.35
N MET A 108 -5.56 1.76 19.58
CA MET A 108 -4.79 1.18 18.49
C MET A 108 -5.43 -0.08 17.92
N LYS A 109 -6.34 -0.71 18.65
CA LYS A 109 -7.11 -1.82 18.11
C LYS A 109 -7.98 -1.39 16.94
N ALA A 110 -8.36 -0.10 16.91
CA ALA A 110 -9.00 0.47 15.73
C ALA A 110 -8.15 0.33 14.48
N TRP A 111 -6.83 0.28 14.62
CA TRP A 111 -5.97 0.22 13.44
C TRP A 111 -5.76 -1.20 12.91
N GLU A 112 -6.25 -2.22 13.61
CA GLU A 112 -5.98 -3.59 13.17
C GLU A 112 -6.40 -3.84 11.74
N PRO A 113 -7.62 -3.50 11.30
CA PRO A 113 -8.02 -3.82 9.92
C PRO A 113 -7.23 -3.04 8.88
N LYS A 114 -6.82 -1.81 9.20
CA LYS A 114 -5.88 -1.12 8.32
C LYS A 114 -4.56 -1.89 8.23
N ILE A 115 -4.02 -2.29 9.37
CA ILE A 115 -2.73 -2.99 9.37
C ILE A 115 -2.86 -4.29 8.57
N ALA A 116 -3.96 -5.00 8.75
CA ALA A 116 -4.09 -6.28 8.05
C ALA A 116 -4.16 -6.08 6.54
N ARG A 117 -4.73 -4.96 6.10
CA ARG A 117 -4.83 -4.73 4.66
C ARG A 117 -3.49 -4.32 4.05
N ILE A 118 -2.76 -3.47 4.76
CA ILE A 118 -1.44 -3.11 4.29
C ILE A 118 -0.57 -4.35 4.21
N THR A 119 -0.66 -5.20 5.23
CA THR A 119 0.11 -6.44 5.24
C THR A 119 -0.18 -7.26 3.99
N ASN A 120 -1.49 -7.47 3.71
CA ASN A 120 -1.86 -8.28 2.55
C ASN A 120 -1.48 -7.59 1.25
N GLU A 121 -1.60 -6.28 1.18
CA GLU A 121 -1.17 -5.57 -0.03
C GLU A 121 0.33 -5.75 -0.25
N LEU A 122 1.15 -5.58 0.80
CA LEU A 122 2.59 -5.78 0.65
C LEU A 122 2.93 -7.22 0.24
N LEU A 123 2.32 -8.20 0.90
CA LEU A 123 2.56 -9.59 0.51
C LEU A 123 2.16 -9.80 -0.96
N GLN A 124 1.04 -9.23 -1.39
CA GLN A 124 0.59 -9.41 -2.77
C GLN A 124 1.62 -8.86 -3.76
N GLU A 125 2.24 -7.74 -3.41
CA GLU A 125 3.21 -7.12 -4.31
C GLU A 125 4.42 -8.01 -4.56
N VAL A 126 4.76 -8.92 -3.66
CA VAL A 126 5.91 -9.80 -3.88
C VAL A 126 5.50 -11.25 -4.02
N GLU A 127 4.19 -11.52 -4.22
CA GLU A 127 3.70 -12.87 -4.46
C GLU A 127 4.48 -13.56 -5.56
N HIS A 128 4.97 -12.81 -6.55
CA HIS A 128 5.70 -13.40 -7.67
C HIS A 128 7.14 -13.79 -7.36
N LEU A 129 7.75 -13.28 -6.28
CA LEU A 129 9.13 -13.63 -5.95
C LEU A 129 9.18 -14.90 -5.10
N GLU A 130 10.10 -15.79 -5.44
CA GLU A 130 10.33 -16.96 -4.61
C GLU A 130 11.17 -16.59 -3.38
N ASP A 131 12.03 -15.60 -3.51
CA ASP A 131 12.94 -15.13 -2.46
C ASP A 131 12.65 -13.66 -2.22
N ILE A 132 12.42 -13.29 -0.96
CA ILE A 132 12.07 -11.90 -0.62
C ILE A 132 12.94 -11.39 0.52
N ASP A 133 13.10 -10.07 0.54
CA ASP A 133 13.79 -9.38 1.64
C ASP A 133 12.73 -8.95 2.65
N ILE A 134 12.63 -9.68 3.77
CA ILE A 134 11.65 -9.37 4.82
C ILE A 134 11.69 -7.88 5.14
N VAL A 135 12.89 -7.29 5.10
CA VAL A 135 13.06 -5.91 5.55
C VAL A 135 12.49 -4.96 4.49
N GLU A 136 13.05 -4.99 3.30
CA GLU A 136 12.63 -4.04 2.27
C GLU A 136 11.16 -4.22 1.90
N HIS A 137 10.67 -5.46 1.83
CA HIS A 137 9.32 -5.65 1.28
C HIS A 137 8.21 -5.70 2.34
N LEU A 138 8.54 -5.84 3.62
CA LEU A 138 7.48 -6.13 4.61
C LEU A 138 7.71 -5.39 5.92
N SER A 139 8.78 -5.71 6.64
CA SER A 139 8.90 -5.12 7.98
C SER A 139 9.18 -3.63 7.94
N TYR A 140 9.85 -3.10 6.89
CA TYR A 140 10.07 -1.66 6.84
C TYR A 140 8.81 -0.93 6.34
N PRO A 141 8.24 -1.29 5.19
CA PRO A 141 7.09 -0.52 4.66
C PRO A 141 5.87 -0.48 5.59
N LEU A 142 5.48 -1.60 6.17
CA LEU A 142 4.24 -1.57 6.94
C LEU A 142 4.25 -0.47 7.98
N PRO A 143 5.27 -0.37 8.85
CA PRO A 143 5.16 0.62 9.92
C PRO A 143 5.29 2.07 9.44
N VAL A 144 5.99 2.36 8.36
CA VAL A 144 6.07 3.75 7.92
C VAL A 144 4.75 4.16 7.27
N MET A 145 4.06 3.21 6.63
CA MET A 145 2.76 3.47 6.04
C MET A 145 1.73 3.74 7.13
N VAL A 146 1.80 3.00 8.23
CA VAL A 146 0.96 3.30 9.38
C VAL A 146 1.29 4.68 9.93
N ILE A 147 2.58 4.96 10.16
CA ILE A 147 2.94 6.23 10.80
C ILE A 147 2.65 7.42 9.90
N ALA A 148 2.79 7.26 8.58
CA ALA A 148 2.43 8.33 7.66
C ALA A 148 0.92 8.61 7.70
N ASP A 149 0.10 7.57 7.87
CA ASP A 149 -1.33 7.79 8.04
C ASP A 149 -1.64 8.46 9.38
N ILE A 150 -0.93 8.09 10.43
CA ILE A 150 -1.16 8.69 11.75
C ILE A 150 -0.77 10.17 11.76
N LEU A 151 0.39 10.51 11.17
CA LEU A 151 0.79 11.92 11.09
C LEU A 151 -0.04 12.72 10.09
N GLY A 152 -0.55 12.06 9.05
CA GLY A 152 -1.24 12.75 7.99
C GLY A 152 -0.32 13.30 6.93
N VAL A 153 0.80 12.62 6.66
CA VAL A 153 1.76 13.08 5.66
C VAL A 153 1.73 12.11 4.50
N PRO A 154 2.20 12.53 3.32
CA PRO A 154 2.06 11.67 2.12
C PRO A 154 3.11 10.57 2.08
N ILE A 155 2.63 9.35 1.90
CA ILE A 155 3.52 8.21 1.79
C ILE A 155 4.40 8.29 0.57
N GLU A 156 4.05 9.17 -0.40
CA GLU A 156 4.95 9.41 -1.54
C GLU A 156 6.30 9.98 -1.10
N ASP A 157 6.39 10.53 0.09
CA ASP A 157 7.66 11.00 0.61
C ASP A 157 8.43 9.93 1.40
N GLN A 158 7.99 8.65 1.35
CA GLN A 158 8.61 7.59 2.14
C GLN A 158 10.13 7.56 2.00
N ARG A 159 10.65 7.81 0.81
CA ARG A 159 12.08 7.64 0.60
C ARG A 159 12.88 8.74 1.28
N GLN A 160 12.37 9.98 1.31
CA GLN A 160 13.02 11.01 2.12
C GLN A 160 12.98 10.64 3.60
N PHE A 161 11.81 10.22 4.08
CA PHE A 161 11.62 9.82 5.48
C PHE A 161 12.69 8.81 5.90
N LYS A 162 12.88 7.78 5.09
CA LYS A 162 13.85 6.73 5.42
C LYS A 162 15.24 7.29 5.51
N ASP A 163 15.69 8.03 4.48
CA ASP A 163 17.04 8.57 4.48
C ASP A 163 17.28 9.49 5.68
N TRP A 164 16.34 10.41 5.94
CA TRP A 164 16.48 11.28 7.12
C TRP A 164 16.56 10.45 8.37
N SER A 165 15.70 9.43 8.48
CA SER A 165 15.63 8.65 9.71
C SER A 165 16.87 7.80 9.89
N ASP A 166 17.39 7.20 8.80
CA ASP A 166 18.62 6.41 8.93
C ASP A 166 19.77 7.30 9.37
N ILE A 167 19.87 8.50 8.80
CA ILE A 167 20.94 9.42 9.23
C ILE A 167 20.84 9.69 10.73
N ILE A 168 19.63 10.05 11.20
CA ILE A 168 19.46 10.45 12.60
C ILE A 168 19.86 9.31 13.56
N VAL A 169 19.52 8.05 13.23
CA VAL A 169 19.90 6.97 14.16
C VAL A 169 21.27 6.37 13.84
N ALA A 170 21.92 6.81 12.77
CA ALA A 170 23.18 6.23 12.34
C ALA A 170 24.28 6.39 13.40
N GLY A 171 25.04 5.33 13.57
CA GLY A 171 26.26 5.37 14.34
C GLY A 171 27.47 5.43 13.43
N PRO A 172 28.59 5.88 13.98
CA PRO A 172 29.78 6.09 13.15
C PRO A 172 30.44 4.78 12.75
N SER A 173 31.10 4.78 11.60
CA SER A 173 31.79 3.59 11.09
C SER A 173 33.10 3.37 11.83
N ASN A 174 33.78 4.43 12.24
CA ASN A 174 34.97 4.27 13.04
C ASN A 174 34.99 5.23 14.22
N ASN A 175 36.06 5.21 15.00
CA ASN A 175 36.14 6.11 16.12
C ASN A 175 36.90 7.36 15.80
N GLU A 176 37.34 7.48 14.55
CA GLU A 176 38.05 8.68 14.11
C GLU A 176 37.17 9.92 14.23
N ARG A 177 37.82 11.09 14.33
CA ARG A 177 37.10 12.35 14.57
C ARG A 177 36.63 13.01 13.27
N GLU A 178 37.44 13.05 12.25
CA GLU A 178 36.92 13.59 11.04
C GLU A 178 35.73 12.70 10.62
N THR A 179 35.54 11.58 11.29
CA THR A 179 34.50 10.64 10.95
C THR A 179 33.28 10.97 11.79
N LEU A 180 33.50 11.18 13.06
CA LEU A 180 32.43 11.53 13.91
C LEU A 180 31.95 12.93 13.59
N GLU A 181 32.87 13.83 13.28
CA GLU A 181 32.41 15.20 13.07
C GLU A 181 31.64 15.33 11.77
N LYS A 182 31.96 14.52 10.76
CA LYS A 182 31.18 14.52 9.54
C LYS A 182 29.77 14.00 9.78
N LEU A 183 29.64 13.04 10.66
CA LEU A 183 28.35 12.45 10.93
C LEU A 183 27.52 13.39 11.71
N GLN A 184 28.11 14.08 12.66
CA GLN A 184 27.40 15.07 13.41
C GLN A 184 26.85 16.07 12.46
N GLN A 185 27.62 16.45 11.46
CA GLN A 185 27.16 17.44 10.51
C GLN A 185 26.01 16.96 9.72
N GLU A 186 26.08 15.71 9.33
CA GLU A 186 25.03 15.14 8.51
C GLU A 186 23.77 14.97 9.33
N LYS A 187 23.90 14.77 10.64
CA LYS A 187 22.73 14.74 11.50
C LYS A 187 22.09 16.13 11.61
N MET A 188 22.89 17.18 11.82
CA MET A 188 22.36 18.53 11.90
C MET A 188 21.63 18.92 10.62
N LYS A 189 22.17 18.54 9.47
CA LYS A 189 21.50 18.84 8.21
C LYS A 189 20.17 18.10 8.08
N ALA A 190 20.12 16.85 8.54
CA ALA A 190 18.88 16.07 8.46
C ALA A 190 17.81 16.60 9.42
N ASN A 191 18.21 16.97 10.64
CA ASN A 191 17.30 17.64 11.56
C ASN A 191 16.69 18.88 10.93
N ASP A 192 17.53 19.73 10.33
CA ASP A 192 17.05 20.95 9.69
C ASP A 192 15.99 20.67 8.65
N GLU A 193 16.30 19.78 7.72
CA GLU A 193 15.39 19.41 6.63
C GLU A 193 14.12 18.74 7.14
N LEU A 194 14.26 17.86 8.13
CA LEU A 194 13.07 17.30 8.80
C LEU A 194 12.21 18.41 9.40
N GLU A 195 12.83 19.30 10.19
CA GLU A 195 12.08 20.42 10.74
C GLU A 195 11.39 21.22 9.65
N THR A 196 12.12 21.61 8.61
CA THR A 196 11.48 22.49 7.63
C THR A 196 10.38 21.76 6.88
N TYR A 197 10.57 20.46 6.64
CA TYR A 197 9.49 19.63 6.13
C TYR A 197 8.25 19.79 6.99
N PHE A 198 8.39 19.61 8.31
CA PHE A 198 7.19 19.60 9.13
C PHE A 198 6.63 21.00 9.41
N TYR A 199 7.44 22.05 9.32
CA TYR A 199 6.83 23.38 9.40
C TYR A 199 5.90 23.63 8.22
N ARG A 200 6.28 23.15 7.04
CA ARG A 200 5.36 23.23 5.90
C ARG A 200 4.09 22.42 6.16
N ILE A 201 4.22 21.19 6.57
CA ILE A 201 3.05 20.39 6.88
C ILE A 201 2.09 21.12 7.84
N ILE A 202 2.65 21.72 8.86
CA ILE A 202 1.88 22.44 9.86
C ILE A 202 1.06 23.57 9.20
N GLU A 203 1.71 24.33 8.35
CA GLU A 203 1.06 25.42 7.63
C GLU A 203 -0.10 24.84 6.84
N GLU A 204 0.17 23.77 6.11
CA GLU A 204 -0.88 23.15 5.30
C GLU A 204 -2.08 22.71 6.14
N LYS A 205 -1.83 22.21 7.35
CA LYS A 205 -2.90 21.71 8.21
C LYS A 205 -3.66 22.78 8.97
N ARG A 206 -3.08 23.94 9.14
CA ARG A 206 -3.79 25.04 9.79
C ARG A 206 -4.94 25.46 8.88
N THR A 207 -4.76 25.24 7.61
CA THR A 207 -5.69 25.58 6.58
C THR A 207 -6.65 24.47 6.26
N ARG A 208 -6.11 23.26 6.17
CA ARG A 208 -6.88 22.10 5.75
C ARG A 208 -6.59 20.97 6.74
N PRO A 209 -7.14 21.03 7.95
CA PRO A 209 -6.83 19.97 8.92
C PRO A 209 -7.34 18.63 8.44
N GLY A 210 -7.04 17.60 9.19
CA GLY A 210 -7.41 16.25 8.79
C GLY A 210 -7.54 15.40 10.02
N ASP A 211 -7.80 14.13 9.77
CA ASP A 211 -7.94 13.13 10.83
C ASP A 211 -6.57 12.51 11.11
N ASP A 212 -5.72 13.32 11.73
CA ASP A 212 -4.35 12.94 12.04
C ASP A 212 -3.91 13.66 13.31
N ILE A 213 -2.80 13.22 13.88
CA ILE A 213 -2.41 13.73 15.18
C ILE A 213 -1.74 15.10 15.09
N ILE A 214 -1.26 15.51 13.93
CA ILE A 214 -0.77 16.87 13.81
C ILE A 214 -1.94 17.86 13.91
N SER A 215 -3.01 17.62 13.14
CA SER A 215 -4.24 18.39 13.27
C SER A 215 -4.74 18.37 14.71
N VAL A 216 -4.70 17.20 15.35
CA VAL A 216 -5.25 17.14 16.70
C VAL A 216 -4.46 18.03 17.64
N LEU A 217 -3.14 18.13 17.45
CA LEU A 217 -2.35 18.96 18.37
C LEU A 217 -2.48 20.43 18.06
N LEU A 218 -2.61 20.78 16.77
CA LEU A 218 -2.96 22.15 16.38
C LEU A 218 -4.30 22.56 16.98
N GLN A 219 -5.31 21.69 16.87
CA GLN A 219 -6.59 21.96 17.53
C GLN A 219 -6.40 22.20 19.03
N ALA A 220 -5.63 21.34 19.70
CA ALA A 220 -5.37 21.58 21.12
C ALA A 220 -4.64 22.90 21.35
N LYS A 221 -3.79 23.30 20.41
CA LYS A 221 -3.10 24.57 20.58
C LYS A 221 -4.07 25.76 20.45
N GLU A 222 -4.92 25.76 19.42
CA GLU A 222 -5.88 26.85 19.24
C GLU A 222 -6.74 27.01 20.47
N GLU A 223 -7.13 25.90 21.11
CA GLU A 223 -7.94 25.86 22.31
C GLU A 223 -7.15 26.10 23.57
N GLY A 224 -5.92 26.59 23.45
CA GLY A 224 -5.20 27.10 24.60
C GLY A 224 -4.37 26.11 25.38
N LYS A 225 -4.06 24.94 24.81
CA LYS A 225 -3.07 24.09 25.45
C LYS A 225 -1.68 24.69 25.25
N GLN A 226 -0.84 24.48 26.26
CA GLN A 226 0.49 25.09 26.37
C GLN A 226 1.50 24.34 25.51
N LEU A 227 1.46 24.58 24.19
CA LEU A 227 2.47 23.98 23.33
C LEU A 227 2.82 24.90 22.17
N THR A 228 4.10 24.86 21.77
CA THR A 228 4.59 25.65 20.65
C THR A 228 4.55 24.85 19.36
N ASP A 229 4.62 25.57 18.25
CA ASP A 229 4.72 24.90 16.97
C ASP A 229 5.98 24.06 16.88
N GLU A 230 7.10 24.54 17.44
CA GLU A 230 8.32 23.75 17.48
C GLU A 230 8.06 22.43 18.20
N GLU A 231 7.20 22.45 19.21
CA GLU A 231 6.93 21.22 19.97
C GLU A 231 6.13 20.23 19.14
N ILE A 232 5.19 20.73 18.33
CA ILE A 232 4.45 19.85 17.44
C ILE A 232 5.40 19.25 16.38
N VAL A 233 6.27 20.09 15.83
CA VAL A 233 7.27 19.59 14.88
C VAL A 233 8.14 18.52 15.54
N GLY A 234 8.62 18.79 16.75
CA GLY A 234 9.51 17.84 17.42
C GLY A 234 8.85 16.48 17.65
N PHE A 235 7.60 16.50 18.12
CA PHE A 235 6.89 15.24 18.35
C PHE A 235 6.61 14.53 17.03
N SER A 236 6.23 15.28 16.00
CA SER A 236 5.99 14.67 14.70
C SER A 236 7.25 13.99 14.18
N ILE A 237 8.42 14.63 14.37
CA ILE A 237 9.67 14.03 13.91
C ILE A 237 9.97 12.77 14.70
N LEU A 238 9.81 12.82 16.02
CA LEU A 238 10.05 11.64 16.85
C LEU A 238 9.22 10.46 16.35
N LEU A 239 7.94 10.70 16.05
CA LEU A 239 7.07 9.62 15.59
C LEU A 239 7.51 9.14 14.23
N LEU A 240 7.87 10.07 13.35
CA LEU A 240 8.32 9.68 12.03
C LEU A 240 9.50 8.72 12.12
N ILE A 241 10.51 9.09 12.91
CA ILE A 241 11.71 8.28 13.03
C ILE A 241 11.37 6.94 13.67
N ALA A 242 10.52 6.97 14.69
CA ALA A 242 9.97 5.76 15.28
C ALA A 242 9.25 4.90 14.25
N GLY A 243 8.51 5.53 13.34
CA GLY A 243 7.82 4.81 12.29
C GLY A 243 8.74 4.22 11.23
N ASN A 244 10.02 4.59 11.24
CA ASN A 244 11.01 4.13 10.28
C ASN A 244 12.08 3.22 10.87
N GLU A 245 12.15 3.03 12.17
CA GLU A 245 13.39 2.56 12.79
C GLU A 245 13.24 1.63 13.98
N THR A 246 12.02 1.24 14.37
CA THR A 246 11.81 0.39 15.56
C THR A 246 11.07 -0.89 15.22
N THR A 247 9.74 -0.81 15.00
CA THR A 247 8.93 -1.99 14.72
C THR A 247 9.48 -2.82 13.58
N THR A 248 10.07 -2.17 12.58
CA THR A 248 10.70 -2.93 11.50
C THR A 248 11.68 -3.97 12.05
N ASN A 249 12.46 -3.59 13.07
CA ASN A 249 13.43 -4.50 13.65
C ASN A 249 12.80 -5.54 14.55
N LEU A 250 11.69 -5.22 15.22
CA LEU A 250 11.02 -6.24 15.99
C LEU A 250 10.58 -7.39 15.07
N ILE A 251 10.02 -7.04 13.93
CA ILE A 251 9.47 -8.03 12.99
C ILE A 251 10.59 -8.85 12.36
N SER A 252 11.58 -8.17 11.79
CA SER A 252 12.72 -8.83 11.17
C SER A 252 13.49 -9.67 12.18
N ASN A 253 13.74 -9.13 13.36
CA ASN A 253 14.46 -9.88 14.39
C ASN A 253 13.71 -11.12 14.81
N THR A 254 12.37 -11.05 14.83
CA THR A 254 11.57 -12.22 15.16
C THR A 254 11.79 -13.31 14.14
N ILE A 255 11.71 -12.95 12.87
CA ILE A 255 11.96 -13.90 11.80
C ILE A 255 13.36 -14.46 11.94
N TYR A 256 14.33 -13.60 12.26
CA TYR A 256 15.69 -14.08 12.47
C TYR A 256 15.74 -15.11 13.59
N CYS A 257 15.06 -14.86 14.70
CA CYS A 257 15.11 -15.79 15.82
C CYS A 257 14.45 -17.13 15.47
N LEU A 258 13.35 -17.09 14.70
CA LEU A 258 12.62 -18.32 14.35
C LEU A 258 13.37 -19.16 13.35
N MET A 259 14.15 -18.51 12.48
CA MET A 259 15.02 -19.21 11.54
C MET A 259 16.26 -19.76 12.23
N GLU A 260 16.80 -19.03 13.21
CA GLU A 260 17.93 -19.53 13.97
C GLU A 260 17.56 -20.80 14.72
N ASP A 261 16.38 -20.83 15.36
CA ASP A 261 15.93 -22.00 16.16
C ASP A 261 14.65 -22.58 15.57
N LYS A 262 14.82 -23.54 14.67
CA LYS A 262 13.68 -24.13 14.00
C LYS A 262 12.77 -24.89 14.96
N ALA A 263 13.27 -25.37 16.10
CA ALA A 263 12.34 -25.99 17.04
C ALA A 263 11.32 -24.99 17.56
N SER A 264 11.74 -23.74 17.82
CA SER A 264 10.77 -22.71 18.19
C SER A 264 9.77 -22.45 17.08
N PHE A 265 10.26 -22.32 15.85
CA PHE A 265 9.39 -22.11 14.71
C PHE A 265 8.39 -23.26 14.53
N GLU A 266 8.85 -24.51 14.67
CA GLU A 266 7.91 -25.62 14.49
C GLU A 266 6.85 -25.59 15.57
N ARG A 267 7.21 -25.15 16.77
CA ARG A 267 6.23 -25.17 17.84
C ARG A 267 5.22 -24.05 17.64
N LEU A 268 5.70 -22.87 17.29
CA LEU A 268 4.81 -21.74 17.01
C LEU A 268 3.75 -22.11 15.97
N LYS A 269 4.15 -22.81 14.91
CA LYS A 269 3.20 -23.24 13.89
C LYS A 269 2.16 -24.20 14.45
N ARG A 270 2.56 -25.07 15.39
CA ARG A 270 1.55 -25.94 16.01
C ARG A 270 0.68 -25.19 17.01
N GLU A 271 1.21 -24.14 17.65
CA GLU A 271 0.56 -23.46 18.75
C GLU A 271 0.52 -21.96 18.39
N LYS A 272 -0.42 -21.60 17.52
CA LYS A 272 -0.49 -20.23 17.04
C LYS A 272 -0.70 -19.25 18.18
N GLU A 273 -1.48 -19.63 19.18
CA GLU A 273 -1.70 -18.72 20.29
C GLU A 273 -0.41 -18.27 20.98
N LEU A 274 0.73 -18.92 20.72
CA LEU A 274 1.98 -18.47 21.33
C LEU A 274 2.62 -17.28 20.63
N LEU A 275 2.04 -16.77 19.53
CA LEU A 275 2.71 -15.71 18.78
C LEU A 275 2.95 -14.47 19.64
N PRO A 276 1.96 -13.93 20.37
CA PRO A 276 2.25 -12.79 21.28
C PRO A 276 3.38 -13.04 22.27
N SER A 277 3.40 -14.20 22.93
CA SER A 277 4.45 -14.51 23.89
C SER A 277 5.80 -14.62 23.20
N GLY A 278 5.82 -15.16 21.99
CA GLY A 278 7.05 -15.24 21.22
C GLY A 278 7.57 -13.87 20.84
N ILE A 279 6.67 -12.92 20.58
CA ILE A 279 7.11 -11.58 20.23
C ILE A 279 7.69 -10.92 21.45
N GLU A 280 7.14 -11.19 22.64
CA GLU A 280 7.72 -10.65 23.86
C GLU A 280 9.11 -11.22 24.11
N GLU A 281 9.33 -12.48 23.72
CA GLU A 281 10.64 -13.08 23.90
C GLU A 281 11.63 -12.63 22.83
N VAL A 282 11.19 -12.15 21.66
CA VAL A 282 12.14 -11.40 20.83
C VAL A 282 12.48 -10.05 21.46
N LEU A 283 11.48 -9.31 21.95
CA LEU A 283 11.77 -8.05 22.61
C LEU A 283 12.82 -8.21 23.71
N ARG A 284 12.86 -9.36 24.34
CA ARG A 284 13.87 -9.64 25.38
C ARG A 284 15.21 -10.04 24.77
N TYR A 285 15.17 -10.97 23.80
CA TYR A 285 16.33 -11.70 23.31
C TYR A 285 17.11 -10.94 22.24
N ARG A 286 16.40 -10.22 21.36
CA ARG A 286 17.00 -9.45 20.29
C ARG A 286 16.33 -8.08 20.22
N SER A 287 16.53 -7.33 21.28
CA SER A 287 15.78 -6.11 21.50
C SER A 287 16.10 -5.06 20.43
N PRO A 288 15.10 -4.48 19.77
CA PRO A 288 15.34 -3.39 18.79
C PRO A 288 16.12 -2.20 19.32
N VAL A 289 16.01 -1.93 20.63
CA VAL A 289 16.80 -0.90 21.29
C VAL A 289 17.62 -1.57 22.40
N GLN A 290 18.95 -1.55 22.27
CA GLN A 290 19.80 -2.27 23.22
C GLN A 290 20.13 -1.47 24.48
N ALA A 291 20.10 -0.15 24.40
CA ALA A 291 20.54 0.73 25.48
C ALA A 291 19.97 2.13 25.24
N LEU A 292 19.99 2.94 26.29
CA LEU A 292 19.53 4.32 26.27
C LEU A 292 20.63 5.20 26.87
N HIS A 293 20.35 6.49 27.01
CA HIS A 293 21.29 7.45 27.58
C HIS A 293 20.59 8.29 28.62
N ARG A 294 21.31 8.61 29.68
CA ARG A 294 20.87 9.52 30.72
C ARG A 294 22.06 10.38 31.13
N ILE A 295 21.76 11.49 31.80
CA ILE A 295 22.74 12.43 32.34
C ILE A 295 22.49 12.54 33.82
N VAL A 296 23.55 12.43 34.60
CA VAL A 296 23.40 12.53 36.05
C VAL A 296 23.13 13.99 36.40
N LYS A 297 22.00 14.24 37.07
CA LYS A 297 21.63 15.60 37.46
C LYS A 297 22.35 16.01 38.74
N GLU A 298 22.59 15.06 39.64
CA GLU A 298 23.24 15.31 40.92
C GLU A 298 23.97 14.04 41.35
N ASP A 299 25.06 14.19 42.13
CA ASP A 299 25.86 13.06 42.60
C ASP A 299 24.97 11.94 43.13
N VAL A 300 25.31 10.70 42.77
CA VAL A 300 24.53 9.55 43.19
C VAL A 300 25.43 8.34 43.24
N THR A 301 25.14 7.45 44.18
CA THR A 301 25.78 6.16 44.26
C THR A 301 24.85 5.13 43.61
N LEU A 302 25.40 4.32 42.72
CA LEU A 302 24.63 3.31 41.97
C LEU A 302 25.43 2.03 42.06
N ALA A 303 24.90 1.01 42.75
CA ALA A 303 25.64 -0.23 42.99
C ALA A 303 27.04 0.04 43.56
N GLY A 304 27.13 0.98 44.48
CA GLY A 304 28.40 1.23 45.18
C GLY A 304 29.39 2.06 44.41
N LYS A 305 29.05 2.54 43.23
CA LYS A 305 29.88 3.43 42.44
C LYS A 305 29.35 4.85 42.58
N LYS A 306 30.23 5.82 42.47
CA LYS A 306 29.90 7.20 42.78
C LYS A 306 29.85 8.01 41.48
N LEU A 307 28.65 8.19 40.96
CA LEU A 307 28.47 8.91 39.72
C LEU A 307 28.40 10.40 40.04
N LYS A 308 29.02 11.23 39.21
CA LYS A 308 29.10 12.66 39.46
C LYS A 308 28.15 13.42 38.55
N ALA A 309 27.63 14.52 39.08
CA ALA A 309 26.83 15.47 38.32
C ALA A 309 27.42 15.68 36.94
N GLY A 310 26.56 15.59 35.90
CA GLY A 310 26.99 15.85 34.55
C GLY A 310 27.64 14.70 33.80
N GLU A 311 27.91 13.57 34.45
CA GLU A 311 28.41 12.41 33.73
C GLU A 311 27.27 11.65 33.02
N HIS A 312 27.59 11.07 31.85
CA HIS A 312 26.63 10.30 31.08
C HIS A 312 26.57 8.84 31.57
N VAL A 313 25.38 8.23 31.43
CA VAL A 313 25.11 6.87 31.86
C VAL A 313 24.44 6.13 30.70
N VAL A 314 24.82 4.89 30.47
CA VAL A 314 24.24 4.07 29.41
C VAL A 314 23.67 2.81 30.04
N PRO A 315 22.36 2.80 30.32
CA PRO A 315 21.73 1.54 30.75
C PRO A 315 21.47 0.63 29.56
N TRP A 316 21.96 -0.60 29.69
CA TRP A 316 21.90 -1.58 28.62
C TRP A 316 20.71 -2.52 28.85
N MET A 317 19.56 -2.19 28.27
CA MET A 317 18.43 -3.11 28.42
C MET A 317 18.76 -4.48 27.83
N GLY A 318 19.51 -4.51 26.72
CA GLY A 318 19.94 -5.78 26.15
C GLY A 318 20.68 -6.67 27.12
N SER A 319 21.52 -6.08 27.97
CA SER A 319 22.19 -6.83 29.03
C SER A 319 21.25 -7.22 30.17
N ALA A 320 20.45 -6.26 30.65
CA ALA A 320 19.47 -6.53 31.69
C ALA A 320 18.57 -7.71 31.31
N HIS A 321 18.25 -7.85 30.02
CA HIS A 321 17.32 -8.85 29.54
C HIS A 321 17.88 -10.26 29.60
N ARG A 322 19.20 -10.40 29.81
CA ARG A 322 19.93 -11.66 29.95
C ARG A 322 20.41 -11.91 31.38
N ASP A 323 19.91 -11.18 32.36
CA ASP A 323 20.35 -11.26 33.74
C ASP A 323 19.72 -12.49 34.40
N ALA A 324 20.55 -13.40 34.92
CA ALA A 324 20.01 -14.69 35.39
C ALA A 324 19.08 -14.52 36.59
N GLU A 325 19.32 -13.49 37.42
CA GLU A 325 18.47 -13.23 38.58
C GLU A 325 17.03 -12.96 38.19
N TYR A 326 16.76 -12.55 36.96
CA TYR A 326 15.37 -12.23 36.59
C TYR A 326 14.88 -13.09 35.45
N PHE A 327 15.74 -13.87 34.81
CA PHE A 327 15.31 -14.62 33.64
C PHE A 327 16.02 -15.98 33.70
N GLU A 328 15.30 -17.00 34.15
CA GLU A 328 15.89 -18.34 34.19
C GLU A 328 16.32 -18.82 32.80
N ASP A 329 17.54 -19.36 32.72
CA ASP A 329 18.15 -19.83 31.47
C ASP A 329 18.18 -18.69 30.46
N PRO A 330 18.70 -17.57 30.88
CA PRO A 330 18.68 -16.34 30.11
C PRO A 330 19.15 -16.37 28.70
N GLU A 331 20.13 -17.19 28.40
CA GLU A 331 20.66 -17.22 27.07
C GLU A 331 19.85 -18.12 26.11
N VAL A 332 18.71 -18.62 26.57
CA VAL A 332 17.84 -19.43 25.78
C VAL A 332 16.56 -18.78 25.37
N PHE A 333 16.35 -18.77 24.07
CA PHE A 333 15.15 -18.29 23.45
C PHE A 333 14.00 -19.27 23.72
N LYS A 334 12.99 -18.82 24.42
CA LYS A 334 11.84 -19.68 24.76
C LYS A 334 10.55 -18.99 24.33
N ILE A 335 9.90 -19.47 23.28
CA ILE A 335 8.74 -18.72 22.79
C ILE A 335 7.64 -18.63 23.84
N ASP A 336 7.66 -19.48 24.87
CA ASP A 336 6.60 -19.49 25.88
C ASP A 336 7.06 -18.87 27.18
N ARG A 337 8.20 -18.13 27.16
CA ARG A 337 8.84 -17.66 28.38
C ARG A 337 7.89 -16.92 29.30
N LYS A 338 7.88 -17.35 30.57
CA LYS A 338 7.05 -16.77 31.64
C LYS A 338 7.80 -16.93 32.95
N PRO A 339 7.95 -15.84 33.71
CA PRO A 339 7.55 -14.46 33.39
C PRO A 339 8.51 -13.86 32.34
N ASN A 340 8.23 -12.64 31.88
CA ASN A 340 9.12 -11.99 30.94
C ASN A 340 8.95 -10.48 31.14
N VAL A 341 9.57 -9.97 32.20
CA VAL A 341 9.36 -8.59 32.58
C VAL A 341 10.50 -7.79 31.96
N HIS A 342 10.54 -7.75 30.65
CA HIS A 342 11.62 -7.07 30.00
C HIS A 342 11.34 -5.57 29.97
N MET A 343 12.37 -4.82 29.60
CA MET A 343 12.32 -3.36 29.53
C MET A 343 12.60 -2.89 28.11
N ALA A 344 12.18 -3.65 27.11
CA ALA A 344 12.54 -3.30 25.74
C ALA A 344 11.86 -2.01 25.31
N PHE A 345 10.80 -1.61 25.99
CA PHE A 345 10.13 -0.34 25.77
C PHE A 345 10.53 0.70 26.81
N GLY A 346 11.58 0.44 27.58
CA GLY A 346 11.92 1.31 28.67
C GLY A 346 11.15 0.96 29.92
N ARG A 347 11.01 1.94 30.80
CA ARG A 347 10.51 1.76 32.14
C ARG A 347 10.39 3.12 32.81
N GLY A 348 9.24 3.43 33.38
CA GLY A 348 9.04 4.71 34.02
C GLY A 348 8.29 5.67 33.14
N ILE A 349 8.50 6.96 33.41
CA ILE A 349 7.65 7.96 32.75
C ILE A 349 7.89 8.05 31.25
N HIS A 350 9.03 7.59 30.73
CA HIS A 350 9.27 7.65 29.29
C HIS A 350 8.96 6.35 28.58
N PHE A 351 8.33 5.40 29.27
CA PHE A 351 7.93 4.14 28.66
C PHE A 351 7.28 4.36 27.30
N CYS A 352 7.69 3.58 26.31
CA CYS A 352 7.38 3.86 24.92
C CYS A 352 5.88 4.12 24.70
N LEU A 353 5.59 5.30 24.16
CA LEU A 353 4.23 5.65 23.76
C LEU A 353 3.69 4.68 22.71
N GLY A 354 4.57 4.18 21.83
CA GLY A 354 4.13 3.39 20.71
C GLY A 354 4.04 1.90 20.98
N ALA A 355 4.24 1.46 22.21
CA ALA A 355 4.31 0.01 22.44
C ALA A 355 3.06 -0.74 21.99
N PRO A 356 1.82 -0.25 22.25
CA PRO A 356 0.64 -0.97 21.75
C PRO A 356 0.64 -1.10 20.25
N LEU A 357 0.91 0.00 19.55
CA LEU A 357 0.99 -0.04 18.10
C LEU A 357 2.04 -1.02 17.64
N ALA A 358 3.24 -0.98 18.24
CA ALA A 358 4.30 -1.89 17.81
C ALA A 358 3.87 -3.36 17.96
N ARG A 359 3.27 -3.71 19.10
CA ARG A 359 2.84 -5.10 19.30
C ARG A 359 1.80 -5.55 18.28
N ILE A 360 0.83 -4.68 17.97
CA ILE A 360 -0.20 -5.08 17.02
C ILE A 360 0.31 -5.11 15.58
N GLU A 361 1.13 -4.13 15.19
CA GLU A 361 1.79 -4.22 13.89
C GLU A 361 2.57 -5.53 13.78
N ALA A 362 3.36 -5.86 14.79
CA ALA A 362 4.20 -7.05 14.72
C ALA A 362 3.36 -8.34 14.62
N LYS A 363 2.41 -8.51 15.55
CA LYS A 363 1.51 -9.66 15.55
C LYS A 363 0.85 -9.89 14.19
N ILE A 364 0.16 -8.87 13.68
CA ILE A 364 -0.59 -9.03 12.44
C ILE A 364 0.35 -9.39 11.30
N MET A 365 1.50 -8.72 11.19
CA MET A 365 2.40 -9.04 10.10
C MET A 365 3.00 -10.43 10.27
N LEU A 366 3.42 -10.77 11.47
CA LEU A 366 4.11 -12.04 11.64
C LEU A 366 3.17 -13.23 11.48
N ALA A 367 1.94 -13.11 11.99
CA ALA A 367 0.97 -14.22 11.90
C ALA A 367 0.67 -14.53 10.44
N GLU A 368 0.60 -13.49 9.62
CA GLU A 368 0.30 -13.70 8.21
C GLU A 368 1.49 -14.28 7.49
N LEU A 369 2.70 -13.78 7.78
CA LEU A 369 3.89 -14.39 7.21
C LEU A 369 3.95 -15.87 7.52
N ILE A 370 3.76 -16.21 8.79
CA ILE A 370 3.92 -17.61 9.21
C ILE A 370 2.82 -18.45 8.60
N ASP A 371 1.61 -17.90 8.46
CA ASP A 371 0.49 -18.69 7.94
C ASP A 371 0.69 -18.99 6.45
N ARG A 372 1.26 -18.06 5.73
CA ARG A 372 1.52 -18.22 4.31
C ARG A 372 2.73 -18.99 3.92
N TYR A 373 3.81 -18.87 4.66
CA TYR A 373 5.05 -19.51 4.32
C TYR A 373 5.66 -20.36 5.45
N PRO A 374 4.90 -21.46 5.80
CA PRO A 374 5.44 -22.27 6.90
C PRO A 374 6.76 -22.99 6.67
N GLN A 375 7.18 -23.13 5.43
CA GLN A 375 8.39 -23.80 5.12
C GLN A 375 9.51 -22.82 4.78
N MET A 376 9.33 -21.57 5.13
CA MET A 376 10.33 -20.55 4.87
C MET A 376 11.68 -20.84 5.51
N ASP A 377 12.74 -20.41 4.85
CA ASP A 377 14.08 -20.57 5.35
C ASP A 377 15.00 -19.55 4.72
N TRP A 378 16.21 -19.47 5.21
CA TRP A 378 17.16 -18.56 4.68
C TRP A 378 17.31 -18.80 3.20
N SER A 379 17.43 -17.74 2.43
CA SER A 379 17.65 -17.88 1.03
C SER A 379 19.12 -18.14 0.81
N PRO A 380 19.44 -18.71 -0.40
CA PRO A 380 20.87 -18.90 -0.65
C PRO A 380 21.66 -17.61 -0.69
N SER A 381 20.99 -16.49 -0.83
CA SER A 381 21.65 -15.21 -0.87
C SER A 381 21.74 -14.48 0.47
N PHE A 382 21.26 -15.08 1.53
CA PHE A 382 21.30 -14.45 2.81
C PHE A 382 22.68 -14.13 3.28
N GLU A 383 22.81 -12.94 3.84
CA GLU A 383 24.02 -12.46 4.46
C GLU A 383 23.63 -11.65 5.67
N LEU A 384 24.35 -11.80 6.77
CA LEU A 384 24.11 -11.05 8.00
C LEU A 384 24.64 -9.63 7.84
N LYS A 385 23.76 -8.64 7.90
CA LYS A 385 24.15 -7.24 7.71
C LYS A 385 23.54 -6.38 8.81
N PRO A 386 24.17 -6.33 9.99
CA PRO A 386 23.64 -5.54 11.09
C PRO A 386 23.65 -4.05 10.79
N ILE A 387 22.60 -3.36 11.24
CA ILE A 387 22.57 -1.92 11.12
C ILE A 387 23.75 -1.32 11.90
N GLU A 388 24.39 -0.32 11.30
CA GLU A 388 25.52 0.37 11.92
C GLU A 388 24.95 1.48 12.80
N SER A 389 24.65 1.13 14.05
CA SER A 389 23.95 2.06 14.92
C SER A 389 24.12 1.59 16.35
N THR A 390 24.21 2.54 17.27
CA THR A 390 24.05 2.20 18.68
C THR A 390 22.65 2.51 19.19
N PHE A 391 21.88 3.32 18.46
CA PHE A 391 20.53 3.63 18.90
C PHE A 391 19.53 2.53 18.53
N VAL A 392 19.79 1.75 17.48
CA VAL A 392 18.90 0.65 17.11
C VAL A 392 19.70 -0.62 16.82
N TYR A 393 19.02 -1.75 16.93
CA TYR A 393 19.63 -3.06 16.85
C TYR A 393 18.81 -3.91 15.88
N GLY A 394 19.40 -4.24 14.74
CA GLY A 394 18.61 -4.95 13.75
C GLY A 394 19.44 -5.23 12.54
N LEU A 395 18.79 -5.77 11.52
CA LEU A 395 19.42 -6.09 10.26
C LEU A 395 18.96 -5.15 9.16
N LYS A 396 19.85 -4.88 8.22
CA LYS A 396 19.53 -4.04 7.08
C LYS A 396 18.77 -4.78 5.99
N GLU A 397 18.95 -6.09 5.91
CA GLU A 397 18.23 -6.93 4.97
C GLU A 397 18.07 -8.32 5.60
N LEU A 398 17.12 -9.09 5.11
CA LEU A 398 16.91 -10.43 5.64
C LEU A 398 16.26 -11.28 4.53
N LEU A 399 17.11 -11.90 3.70
CA LEU A 399 16.63 -12.61 2.52
C LEU A 399 16.13 -13.98 2.91
N ILE A 400 14.86 -14.23 2.59
CA ILE A 400 14.18 -15.48 2.92
C ILE A 400 13.65 -16.12 1.63
N ARG A 401 13.69 -17.45 1.59
CA ARG A 401 13.16 -18.24 0.53
C ARG A 401 11.83 -18.81 1.07
N LYS A 402 10.75 -18.59 0.34
CA LYS A 402 9.43 -19.03 0.74
C LYS A 402 9.18 -20.51 0.79
N ASN A 403 9.74 -21.24 -0.14
CA ASN A 403 9.58 -22.67 -0.21
C ASN A 403 8.16 -23.18 -0.38
N VAL A 404 7.38 -22.51 -1.17
CA VAL A 404 6.04 -22.97 -1.43
C VAL A 404 6.15 -24.06 -2.48
N LYS B 19 -11.55 13.82 -1.95
CA LYS B 19 -12.07 12.48 -2.19
C LYS B 19 -13.50 12.56 -2.69
N GLU B 20 -14.41 12.91 -1.77
CA GLU B 20 -15.81 13.13 -2.09
C GLU B 20 -15.90 14.04 -3.32
N GLU B 21 -14.90 14.90 -3.50
CA GLU B 21 -14.84 15.73 -4.70
C GLU B 21 -14.22 14.99 -5.89
N ARG B 22 -13.35 14.00 -5.66
CA ARG B 22 -12.80 13.25 -6.80
C ARG B 22 -13.76 12.20 -7.34
N PHE B 23 -14.70 11.70 -6.54
CA PHE B 23 -15.72 10.79 -7.04
C PHE B 23 -16.95 11.52 -7.57
N ASN B 24 -16.90 12.86 -7.64
CA ASN B 24 -17.95 13.68 -8.26
C ASN B 24 -17.30 14.69 -9.20
N PRO B 25 -16.95 14.27 -10.40
CA PRO B 25 -16.58 15.25 -11.45
C PRO B 25 -17.79 15.83 -12.19
N PHE B 26 -19.00 15.44 -11.80
CA PHE B 26 -20.19 15.70 -12.61
C PHE B 26 -20.69 17.12 -12.45
N SER B 27 -20.55 17.72 -11.26
CA SER B 27 -20.88 19.12 -11.09
C SER B 27 -20.06 19.98 -12.03
N TRP B 28 -18.75 19.72 -12.09
CA TRP B 28 -17.89 20.41 -13.05
C TRP B 28 -18.35 20.15 -14.49
N TYR B 29 -18.67 18.91 -14.82
CA TYR B 29 -19.09 18.63 -16.19
C TYR B 29 -20.28 19.50 -16.56
N GLU B 30 -21.25 19.59 -15.64
CA GLU B 30 -22.47 20.32 -15.90
C GLU B 30 -22.17 21.80 -16.12
N GLU B 31 -21.28 22.37 -15.29
CA GLU B 31 -20.84 23.75 -15.48
C GLU B 31 -20.28 23.93 -16.88
N MET B 32 -19.38 23.03 -17.31
CA MET B 32 -18.78 23.11 -18.63
C MET B 32 -19.81 22.97 -19.75
N ARG B 33 -20.75 22.01 -19.63
CA ARG B 33 -21.74 21.83 -20.71
C ARG B 33 -22.58 23.09 -20.92
N ASN B 34 -22.86 23.81 -19.84
CA ASN B 34 -23.78 24.93 -19.88
C ASN B 34 -23.11 26.26 -20.25
N THR B 35 -21.78 26.37 -20.15
CA THR B 35 -21.07 27.61 -20.40
C THR B 35 -20.02 27.51 -21.50
N ALA B 36 -19.37 26.34 -21.68
CA ALA B 36 -18.27 26.20 -22.62
C ALA B 36 -18.11 24.73 -23.00
N PRO B 37 -19.01 24.17 -23.83
CA PRO B 37 -18.98 22.72 -24.06
C PRO B 37 -17.78 22.27 -24.87
N VAL B 38 -17.19 23.16 -25.65
CA VAL B 38 -15.95 22.92 -26.35
C VAL B 38 -15.01 24.02 -25.90
N GLN B 39 -13.93 23.65 -25.19
CA GLN B 39 -13.05 24.74 -24.80
C GLN B 39 -11.62 24.29 -24.63
N TRP B 40 -10.76 25.23 -24.94
CA TRP B 40 -9.33 25.04 -25.00
C TRP B 40 -8.76 25.13 -23.61
N ASP B 41 -7.81 24.24 -23.32
CA ASP B 41 -7.10 24.22 -22.06
C ASP B 41 -5.66 24.61 -22.38
N GLU B 42 -5.27 25.83 -22.00
CA GLU B 42 -3.94 26.30 -22.35
C GLU B 42 -2.87 25.46 -21.67
N GLU B 43 -3.08 25.13 -20.40
CA GLU B 43 -2.06 24.40 -19.65
C GLU B 43 -1.85 23.00 -20.22
N ARG B 44 -2.93 22.26 -20.49
CA ARG B 44 -2.83 20.92 -21.03
C ARG B 44 -2.73 20.89 -22.55
N GLN B 45 -3.01 22.01 -23.22
CA GLN B 45 -2.95 22.12 -24.69
C GLN B 45 -3.89 21.12 -25.38
N VAL B 46 -5.14 21.11 -24.94
CA VAL B 46 -6.13 20.23 -25.55
C VAL B 46 -7.45 20.96 -25.62
N TRP B 47 -8.25 20.56 -26.58
CA TRP B 47 -9.68 20.89 -26.60
C TRP B 47 -10.46 19.84 -25.82
N ASP B 48 -11.09 20.24 -24.74
CA ASP B 48 -12.00 19.42 -24.00
C ASP B 48 -13.39 19.59 -24.63
N VAL B 49 -14.11 18.48 -24.77
CA VAL B 49 -15.44 18.41 -25.38
C VAL B 49 -16.38 17.70 -24.42
N PHE B 50 -17.45 18.38 -24.04
CA PHE B 50 -18.28 18.00 -22.91
C PHE B 50 -19.73 17.65 -23.25
N HIS B 51 -20.29 18.15 -24.36
CA HIS B 51 -21.68 17.85 -24.67
C HIS B 51 -21.81 16.59 -25.54
N TYR B 52 -22.98 15.96 -25.46
CA TYR B 52 -23.12 14.66 -26.08
C TYR B 52 -22.85 14.74 -27.59
N ASP B 53 -23.45 15.71 -28.27
CA ASP B 53 -23.26 15.82 -29.72
C ASP B 53 -21.81 15.98 -30.10
N GLY B 54 -21.04 16.75 -29.33
CA GLY B 54 -19.62 16.90 -29.62
C GLY B 54 -18.83 15.61 -29.39
N VAL B 55 -19.11 14.92 -28.28
CA VAL B 55 -18.41 13.67 -27.97
C VAL B 55 -18.75 12.62 -29.02
N LYS B 56 -20.01 12.52 -29.40
CA LYS B 56 -20.38 11.55 -30.43
C LYS B 56 -19.67 11.86 -31.76
N GLU B 57 -19.61 13.13 -32.16
CA GLU B 57 -18.89 13.45 -33.39
C GLU B 57 -17.39 13.16 -33.26
N VAL B 58 -16.78 13.47 -32.12
CA VAL B 58 -15.34 13.23 -32.00
C VAL B 58 -15.02 11.74 -32.10
N LEU B 59 -15.89 10.89 -31.55
CA LEU B 59 -15.66 9.44 -31.58
C LEU B 59 -16.04 8.82 -32.92
N GLU B 60 -17.05 9.36 -33.58
CA GLU B 60 -17.58 8.74 -34.81
C GLU B 60 -16.80 9.15 -36.04
N GLN B 61 -16.37 10.42 -36.12
CA GLN B 61 -15.84 10.95 -37.37
C GLN B 61 -14.38 10.58 -37.50
N LYS B 62 -14.16 9.32 -37.89
CA LYS B 62 -12.81 8.80 -38.07
C LYS B 62 -12.03 9.55 -39.14
N ASN B 63 -12.68 10.22 -40.08
CA ASN B 63 -11.94 10.98 -41.08
C ASN B 63 -11.56 12.38 -40.60
N ILE B 64 -12.08 12.81 -39.45
CA ILE B 64 -11.71 14.08 -38.89
C ILE B 64 -10.85 13.94 -37.65
N PHE B 65 -11.06 12.89 -36.84
CA PHE B 65 -10.43 12.73 -35.53
C PHE B 65 -9.76 11.36 -35.50
N SER B 66 -8.43 11.37 -35.53
CA SER B 66 -7.58 10.18 -35.55
C SER B 66 -7.17 9.75 -34.15
N SER B 67 -6.59 8.55 -34.08
CA SER B 67 -6.03 8.02 -32.85
C SER B 67 -4.91 8.88 -32.28
N ASP B 68 -4.87 8.92 -30.94
CA ASP B 68 -3.73 9.32 -30.11
C ASP B 68 -3.82 10.82 -29.71
N GLY B 81 0.59 0.18 -28.55
CA GLY B 81 1.53 0.94 -29.35
C GLY B 81 1.11 0.93 -30.80
N THR B 82 1.49 -0.12 -31.51
CA THR B 82 1.01 -0.38 -32.86
C THR B 82 -0.28 -1.20 -32.86
N SER B 83 -1.02 -1.19 -31.76
CA SER B 83 -2.14 -2.11 -31.60
C SER B 83 -3.41 -1.58 -32.25
N LEU B 84 -4.38 -2.49 -32.35
CA LEU B 84 -5.69 -2.22 -32.88
C LEU B 84 -6.24 -0.85 -32.49
N ILE B 85 -6.11 -0.47 -31.21
CA ILE B 85 -6.78 0.72 -30.69
C ILE B 85 -6.15 2.02 -31.16
N ASN B 86 -4.94 1.97 -31.74
CA ASN B 86 -4.18 3.15 -32.14
C ASN B 86 -3.97 3.24 -33.64
N ILE B 87 -4.54 2.34 -34.42
CA ILE B 87 -4.28 2.35 -35.86
C ILE B 87 -5.51 2.90 -36.54
N ASP B 88 -5.28 3.64 -37.60
CA ASP B 88 -6.36 4.33 -38.30
C ASP B 88 -6.72 3.57 -39.55
N PRO B 89 -7.87 3.88 -40.15
CA PRO B 89 -8.15 3.42 -41.51
C PRO B 89 -7.05 3.86 -42.45
N PRO B 90 -6.76 3.06 -43.46
CA PRO B 90 -7.47 1.83 -43.84
C PRO B 90 -7.00 0.54 -43.14
N LYS B 91 -5.92 0.59 -42.36
CA LYS B 91 -5.42 -0.64 -41.76
C LYS B 91 -6.30 -1.15 -40.62
N HIS B 92 -7.03 -0.31 -39.94
CA HIS B 92 -7.83 -0.76 -38.84
C HIS B 92 -8.90 -1.79 -39.19
N ALA B 93 -9.53 -1.58 -40.31
CA ALA B 93 -10.59 -2.44 -40.78
C ALA B 93 -10.22 -3.90 -40.91
N GLU B 94 -9.10 -4.22 -41.54
CA GLU B 94 -8.64 -5.56 -41.71
C GLU B 94 -8.35 -6.22 -40.38
N MET B 95 -7.61 -5.47 -39.51
CA MET B 95 -7.27 -6.07 -38.24
C MET B 95 -8.52 -6.36 -37.42
N ARG B 96 -9.43 -5.39 -37.34
CA ARG B 96 -10.66 -5.57 -36.56
C ARG B 96 -11.49 -6.71 -37.12
N ALA B 97 -11.50 -6.87 -38.45
CA ALA B 97 -12.25 -7.98 -39.06
C ALA B 97 -11.68 -9.33 -38.65
N LEU B 98 -10.35 -9.42 -38.52
CA LEU B 98 -9.74 -10.65 -38.06
C LEU B 98 -10.02 -10.92 -36.58
N VAL B 99 -9.82 -9.92 -35.71
CA VAL B 99 -10.03 -10.18 -34.29
C VAL B 99 -11.50 -10.34 -33.96
N ASN B 100 -12.40 -9.79 -34.79
CA ASN B 100 -13.83 -10.01 -34.55
C ASN B 100 -14.18 -11.50 -34.53
N LYS B 101 -13.45 -12.32 -35.25
CA LYS B 101 -13.78 -13.75 -35.33
C LYS B 101 -13.63 -14.42 -33.98
N ALA B 102 -12.90 -13.85 -33.08
CA ALA B 102 -12.73 -14.42 -31.79
C ALA B 102 -13.81 -13.99 -30.81
N PHE B 103 -14.70 -13.12 -31.25
CA PHE B 103 -15.75 -12.56 -30.38
C PHE B 103 -17.14 -12.76 -30.97
N THR B 104 -17.30 -13.67 -31.92
CA THR B 104 -18.63 -14.02 -32.42
C THR B 104 -19.47 -14.65 -31.30
N PRO B 105 -20.80 -14.56 -31.40
CA PRO B 105 -21.66 -15.28 -30.45
C PRO B 105 -21.33 -16.76 -30.37
N LYS B 106 -20.94 -17.39 -31.47
CA LYS B 106 -20.47 -18.76 -31.40
C LYS B 106 -19.14 -18.84 -30.65
N ALA B 107 -18.14 -18.06 -31.08
CA ALA B 107 -16.83 -18.12 -30.45
C ALA B 107 -16.89 -17.89 -28.96
N MET B 108 -17.98 -17.29 -28.46
CA MET B 108 -18.16 -16.97 -27.04
C MET B 108 -19.07 -17.95 -26.32
N LYS B 109 -19.60 -18.97 -27.00
CA LYS B 109 -20.61 -19.81 -26.37
C LYS B 109 -20.09 -20.40 -25.07
N ALA B 110 -18.87 -20.92 -25.11
CA ALA B 110 -18.31 -21.57 -23.94
C ALA B 110 -18.08 -20.61 -22.78
N TRP B 111 -18.12 -19.30 -22.99
CA TRP B 111 -17.52 -18.38 -22.02
C TRP B 111 -18.36 -18.19 -20.77
N GLU B 112 -19.69 -18.21 -20.89
CA GLU B 112 -20.56 -18.04 -19.73
C GLU B 112 -20.31 -19.08 -18.62
N PRO B 113 -20.22 -20.39 -18.89
CA PRO B 113 -19.89 -21.33 -17.79
C PRO B 113 -18.49 -21.13 -17.24
N LYS B 114 -17.52 -20.67 -18.03
CA LYS B 114 -16.19 -20.42 -17.51
C LYS B 114 -16.20 -19.29 -16.47
N ILE B 115 -16.95 -18.22 -16.76
CA ILE B 115 -17.07 -17.07 -15.87
C ILE B 115 -17.86 -17.42 -14.61
N ALA B 116 -18.94 -18.18 -14.76
CA ALA B 116 -19.63 -18.73 -13.61
C ALA B 116 -18.70 -19.55 -12.70
N ARG B 117 -17.85 -20.38 -13.29
CA ARG B 117 -16.94 -21.19 -12.47
C ARG B 117 -15.98 -20.31 -11.68
N ILE B 118 -15.37 -19.34 -12.36
CA ILE B 118 -14.44 -18.45 -11.68
C ILE B 118 -15.18 -17.63 -10.63
N THR B 119 -16.38 -17.18 -10.95
CA THR B 119 -17.14 -16.37 -10.00
C THR B 119 -17.37 -17.15 -8.72
N ASN B 120 -17.87 -18.39 -8.85
CA ASN B 120 -18.12 -19.22 -7.67
C ASN B 120 -16.84 -19.51 -6.91
N GLU B 121 -15.73 -19.70 -7.63
CA GLU B 121 -14.53 -20.04 -6.86
C GLU B 121 -13.97 -18.82 -6.14
N LEU B 122 -14.18 -17.61 -6.69
CA LEU B 122 -13.80 -16.40 -5.95
C LEU B 122 -14.71 -16.18 -4.74
N LEU B 123 -16.02 -16.43 -4.88
CA LEU B 123 -16.88 -16.31 -3.70
C LEU B 123 -16.58 -17.41 -2.67
N GLN B 124 -16.26 -18.62 -3.11
CA GLN B 124 -16.02 -19.71 -2.16
C GLN B 124 -14.80 -19.41 -1.26
N GLU B 125 -13.75 -18.80 -1.80
CA GLU B 125 -12.54 -18.47 -1.03
C GLU B 125 -12.76 -17.45 0.08
N VAL B 126 -13.88 -16.76 0.13
CA VAL B 126 -14.14 -15.82 1.18
C VAL B 126 -15.45 -16.07 1.90
N GLU B 127 -15.95 -17.28 1.79
CA GLU B 127 -17.19 -17.68 2.42
C GLU B 127 -17.14 -17.52 3.90
N HIS B 128 -15.95 -17.59 4.47
CA HIS B 128 -15.80 -17.51 5.89
C HIS B 128 -15.87 -16.13 6.49
N LEU B 129 -15.66 -15.12 5.69
CA LEU B 129 -15.72 -13.75 6.11
C LEU B 129 -17.09 -13.14 6.04
N GLU B 130 -17.43 -12.32 7.01
CA GLU B 130 -18.71 -11.64 6.98
C GLU B 130 -18.56 -10.28 6.33
N ASP B 131 -17.38 -9.71 6.39
CA ASP B 131 -17.09 -8.45 5.77
C ASP B 131 -16.04 -8.68 4.67
N ILE B 132 -16.32 -8.28 3.43
CA ILE B 132 -15.37 -8.44 2.33
C ILE B 132 -15.22 -7.14 1.56
N ASP B 133 -14.00 -6.88 1.08
CA ASP B 133 -13.69 -5.86 0.09
C ASP B 133 -14.01 -6.42 -1.31
N ILE B 134 -15.10 -5.94 -1.90
CA ILE B 134 -15.54 -6.37 -3.22
C ILE B 134 -14.39 -6.31 -4.21
N VAL B 135 -13.55 -5.28 -4.09
CA VAL B 135 -12.48 -5.04 -5.06
C VAL B 135 -11.41 -6.12 -4.95
N GLU B 136 -10.67 -6.12 -3.82
CA GLU B 136 -9.59 -7.09 -3.64
C GLU B 136 -10.06 -8.52 -3.93
N HIS B 137 -11.22 -8.90 -3.44
CA HIS B 137 -11.59 -10.32 -3.50
C HIS B 137 -12.46 -10.72 -4.68
N LEU B 138 -13.14 -9.79 -5.36
CA LEU B 138 -14.04 -10.22 -6.42
C LEU B 138 -13.78 -9.50 -7.73
N SER B 139 -13.94 -8.15 -7.73
CA SER B 139 -13.98 -7.43 -8.98
C SER B 139 -12.61 -7.29 -9.60
N TYR B 140 -11.57 -7.16 -8.78
CA TYR B 140 -10.22 -7.09 -9.32
C TYR B 140 -9.73 -8.43 -9.87
N PRO B 141 -9.88 -9.54 -9.17
CA PRO B 141 -9.43 -10.82 -9.75
C PRO B 141 -10.23 -11.28 -10.95
N LEU B 142 -11.57 -11.11 -10.96
CA LEU B 142 -12.38 -11.77 -11.99
C LEU B 142 -11.87 -11.54 -13.41
N PRO B 143 -11.64 -10.30 -13.86
CA PRO B 143 -11.35 -10.11 -15.29
C PRO B 143 -10.03 -10.71 -15.70
N VAL B 144 -9.00 -10.59 -14.87
CA VAL B 144 -7.72 -11.13 -15.27
C VAL B 144 -7.77 -12.65 -15.29
N MET B 145 -8.56 -13.26 -14.41
CA MET B 145 -8.69 -14.72 -14.42
C MET B 145 -9.48 -15.20 -15.60
N VAL B 146 -10.55 -14.48 -15.95
CA VAL B 146 -11.34 -14.83 -17.13
C VAL B 146 -10.51 -14.69 -18.40
N ILE B 147 -9.84 -13.56 -18.56
CA ILE B 147 -9.10 -13.37 -19.80
C ILE B 147 -7.99 -14.41 -19.94
N ALA B 148 -7.34 -14.78 -18.83
CA ALA B 148 -6.30 -15.80 -18.94
C ALA B 148 -6.90 -17.12 -19.44
N ASP B 149 -8.06 -17.46 -18.91
CA ASP B 149 -8.70 -18.71 -19.29
C ASP B 149 -9.13 -18.71 -20.76
N ILE B 150 -9.82 -17.66 -21.21
CA ILE B 150 -10.33 -17.70 -22.58
C ILE B 150 -9.26 -17.41 -23.62
N LEU B 151 -8.11 -16.86 -23.22
CA LEU B 151 -6.97 -16.75 -24.13
C LEU B 151 -6.26 -18.09 -24.35
N GLY B 152 -6.32 -19.00 -23.38
CA GLY B 152 -5.69 -20.30 -23.46
C GLY B 152 -4.47 -20.49 -22.60
N VAL B 153 -4.28 -19.68 -21.56
CA VAL B 153 -3.22 -19.91 -20.57
C VAL B 153 -3.46 -21.24 -19.86
N PRO B 154 -2.55 -22.21 -19.91
CA PRO B 154 -2.69 -23.42 -19.08
C PRO B 154 -3.01 -23.10 -17.62
N ILE B 155 -3.77 -24.00 -16.98
CA ILE B 155 -4.09 -23.88 -15.56
C ILE B 155 -2.85 -23.58 -14.74
N GLU B 156 -1.80 -24.37 -14.98
CA GLU B 156 -0.56 -24.29 -14.20
C GLU B 156 0.13 -22.95 -14.30
N ASP B 157 -0.20 -22.12 -15.30
CA ASP B 157 0.48 -20.86 -15.54
C ASP B 157 -0.36 -19.65 -15.13
N GLN B 158 -1.61 -19.86 -14.73
CA GLN B 158 -2.54 -18.74 -14.56
C GLN B 158 -2.16 -17.86 -13.39
N ARG B 159 -1.58 -18.45 -12.33
CA ARG B 159 -1.13 -17.65 -11.20
C ARG B 159 -0.04 -16.70 -11.63
N GLN B 160 1.02 -17.21 -12.26
CA GLN B 160 2.13 -16.36 -12.69
C GLN B 160 1.70 -15.37 -13.76
N PHE B 161 0.84 -15.80 -14.69
CA PHE B 161 0.28 -14.90 -15.70
C PHE B 161 -0.44 -13.72 -15.04
N LYS B 162 -1.20 -13.97 -13.99
CA LYS B 162 -1.90 -12.89 -13.34
C LYS B 162 -0.92 -11.94 -12.64
N ASP B 163 0.15 -12.48 -12.03
CA ASP B 163 1.12 -11.60 -11.38
C ASP B 163 1.79 -10.68 -12.38
N TRP B 164 2.12 -11.20 -13.57
CA TRP B 164 2.58 -10.32 -14.65
C TRP B 164 1.53 -9.27 -15.00
N SER B 165 0.28 -9.70 -15.20
CA SER B 165 -0.79 -8.79 -15.56
C SER B 165 -0.93 -7.68 -14.55
N ASP B 166 -0.83 -8.01 -13.26
CA ASP B 166 -0.99 -7.01 -12.22
C ASP B 166 0.03 -5.88 -12.38
N ILE B 167 1.27 -6.21 -12.76
CA ILE B 167 2.30 -5.20 -13.00
C ILE B 167 1.87 -4.28 -14.14
N ILE B 168 1.54 -4.86 -15.29
CA ILE B 168 1.38 -4.15 -16.56
C ILE B 168 0.35 -3.05 -16.48
N VAL B 169 -0.62 -3.20 -15.60
CA VAL B 169 -1.71 -2.26 -15.48
C VAL B 169 -1.42 -1.26 -14.34
N ASN B 174 -1.29 -0.29 -6.08
CA ASN B 174 -0.05 0.24 -6.67
C ASN B 174 1.00 0.48 -5.59
N ASN B 175 2.23 0.75 -6.05
CA ASN B 175 3.37 1.11 -5.21
C ASN B 175 3.67 2.60 -5.47
N GLU B 176 3.23 3.46 -4.55
CA GLU B 176 3.39 4.90 -4.70
C GLU B 176 4.60 5.42 -3.93
N ARG B 177 5.48 4.52 -3.49
CA ARG B 177 6.73 4.88 -2.83
C ARG B 177 7.96 4.67 -3.70
N GLU B 178 7.86 3.81 -4.71
CA GLU B 178 9.01 3.46 -5.54
C GLU B 178 9.28 4.53 -6.61
N THR B 179 10.53 4.55 -7.07
CA THR B 179 10.98 5.50 -8.08
C THR B 179 10.24 5.30 -9.40
N LEU B 180 9.92 6.43 -10.03
CA LEU B 180 9.26 6.39 -11.34
C LEU B 180 10.06 5.61 -12.38
N GLU B 181 11.38 5.54 -12.24
CA GLU B 181 12.21 4.82 -13.19
C GLU B 181 12.42 3.36 -12.82
N LYS B 182 12.12 3.01 -11.56
CA LYS B 182 12.08 1.60 -11.15
C LYS B 182 10.75 0.98 -11.53
N LEU B 183 9.67 1.77 -11.47
CA LEU B 183 8.37 1.32 -11.94
C LEU B 183 8.36 1.12 -13.45
N GLN B 184 9.21 1.85 -14.18
CA GLN B 184 9.35 1.60 -15.62
C GLN B 184 10.01 0.26 -15.87
N GLN B 185 11.19 0.05 -15.27
CA GLN B 185 11.93 -1.17 -15.53
C GLN B 185 11.12 -2.41 -15.16
N GLU B 186 10.32 -2.33 -14.10
CA GLU B 186 9.46 -3.45 -13.74
C GLU B 186 8.43 -3.71 -14.84
N LYS B 187 7.80 -2.66 -15.37
CA LYS B 187 6.79 -2.85 -16.41
C LYS B 187 7.42 -3.46 -17.65
N MET B 188 8.52 -2.90 -18.14
CA MET B 188 9.21 -3.48 -19.28
C MET B 188 9.44 -4.97 -19.07
N LYS B 189 10.00 -5.33 -17.92
CA LYS B 189 10.34 -6.73 -17.67
C LYS B 189 9.08 -7.59 -17.62
N ALA B 190 8.02 -7.10 -16.99
CA ALA B 190 6.75 -7.82 -16.96
C ALA B 190 6.12 -7.89 -18.34
N ASN B 191 6.20 -6.81 -19.12
CA ASN B 191 5.67 -6.87 -20.48
C ASN B 191 6.41 -7.90 -21.30
N ASP B 192 7.73 -7.97 -21.16
CA ASP B 192 8.52 -8.89 -21.96
C ASP B 192 8.15 -10.33 -21.67
N GLU B 193 7.91 -10.64 -20.40
CA GLU B 193 7.66 -12.01 -20.01
C GLU B 193 6.22 -12.45 -20.28
N LEU B 194 5.28 -11.51 -20.39
CA LEU B 194 4.01 -11.82 -21.03
C LEU B 194 4.21 -12.13 -22.50
N GLU B 195 5.03 -11.33 -23.19
CA GLU B 195 5.19 -11.52 -24.63
C GLU B 195 5.77 -12.89 -24.92
N THR B 196 6.98 -13.16 -24.40
CA THR B 196 7.60 -14.46 -24.60
C THR B 196 6.65 -15.59 -24.23
N TYR B 197 5.80 -15.37 -23.24
CA TYR B 197 4.84 -16.38 -22.87
C TYR B 197 3.68 -16.51 -23.88
N PHE B 198 3.17 -15.39 -24.40
CA PHE B 198 2.15 -15.48 -25.44
C PHE B 198 2.72 -16.15 -26.68
N TYR B 199 3.99 -15.88 -26.99
CA TYR B 199 4.63 -16.53 -28.13
C TYR B 199 4.62 -18.04 -27.98
N ARG B 200 4.80 -18.54 -26.75
CA ARG B 200 4.84 -19.99 -26.50
C ARG B 200 3.45 -20.60 -26.50
N ILE B 201 2.43 -19.85 -26.08
CA ILE B 201 1.07 -20.34 -26.24
C ILE B 201 0.73 -20.46 -27.72
N ILE B 202 1.19 -19.51 -28.52
CA ILE B 202 0.94 -19.57 -29.95
C ILE B 202 1.51 -20.85 -30.54
N GLU B 203 2.71 -21.26 -30.10
CA GLU B 203 3.28 -22.52 -30.60
C GLU B 203 2.45 -23.72 -30.15
N GLU B 204 2.09 -23.76 -28.87
CA GLU B 204 1.27 -24.85 -28.36
C GLU B 204 -0.05 -24.98 -29.12
N LYS B 205 -0.66 -23.86 -29.53
CA LYS B 205 -1.96 -23.92 -30.19
C LYS B 205 -1.86 -24.11 -31.69
N ARG B 206 -0.70 -23.83 -32.24
CA ARG B 206 -0.43 -24.16 -33.63
C ARG B 206 -0.33 -25.68 -33.84
N THR B 207 0.24 -26.40 -32.86
CA THR B 207 0.28 -27.86 -32.94
C THR B 207 -1.01 -28.49 -32.43
N ARG B 208 -1.47 -28.09 -31.23
CA ARG B 208 -2.69 -28.64 -30.62
C ARG B 208 -3.72 -27.55 -30.37
N PRO B 209 -4.55 -27.21 -31.34
CA PRO B 209 -5.51 -26.11 -31.16
C PRO B 209 -6.71 -26.46 -30.27
N GLY B 210 -7.23 -25.42 -29.62
CA GLY B 210 -8.40 -25.50 -28.75
C GLY B 210 -9.46 -24.50 -29.19
N ASP B 211 -10.40 -24.15 -28.32
CA ASP B 211 -11.41 -23.12 -28.62
C ASP B 211 -11.05 -21.75 -28.05
N ASP B 212 -9.85 -21.60 -27.51
CA ASP B 212 -9.36 -20.36 -26.92
C ASP B 212 -9.19 -19.26 -27.98
N ILE B 213 -9.03 -18.01 -27.51
CA ILE B 213 -8.92 -16.89 -28.45
C ILE B 213 -7.71 -17.09 -29.34
N ILE B 214 -6.60 -17.54 -28.79
CA ILE B 214 -5.39 -17.54 -29.60
C ILE B 214 -5.52 -18.54 -30.76
N SER B 215 -6.08 -19.72 -30.50
CA SER B 215 -6.36 -20.69 -31.56
C SER B 215 -7.21 -20.07 -32.65
N VAL B 216 -8.28 -19.37 -32.26
CA VAL B 216 -9.18 -18.76 -33.25
C VAL B 216 -8.45 -17.70 -34.06
N LEU B 217 -7.52 -16.96 -33.46
CA LEU B 217 -6.81 -15.92 -34.19
C LEU B 217 -5.80 -16.50 -35.16
N LEU B 218 -5.20 -17.64 -34.83
CA LEU B 218 -4.29 -18.34 -35.74
C LEU B 218 -4.97 -18.83 -37.01
N GLN B 219 -6.27 -19.14 -36.92
CA GLN B 219 -7.03 -19.65 -38.07
C GLN B 219 -7.87 -18.59 -38.77
N ALA B 220 -8.04 -17.40 -38.20
CA ALA B 220 -8.90 -16.39 -38.81
C ALA B 220 -8.32 -15.90 -40.12
N LYS B 221 -9.20 -15.68 -41.10
CA LYS B 221 -8.77 -15.21 -42.41
C LYS B 221 -9.72 -14.15 -42.94
N GLU B 222 -9.14 -13.14 -43.56
CA GLU B 222 -9.87 -12.04 -44.19
C GLU B 222 -9.33 -11.92 -45.61
N GLU B 223 -10.09 -12.42 -46.58
CA GLU B 223 -9.67 -12.46 -47.97
C GLU B 223 -8.22 -12.91 -48.09
N GLY B 224 -7.93 -14.05 -47.44
CA GLY B 224 -6.65 -14.70 -47.53
C GLY B 224 -5.62 -14.22 -46.54
N LYS B 225 -5.78 -13.02 -45.99
CA LYS B 225 -4.78 -12.47 -45.09
C LYS B 225 -5.06 -12.90 -43.65
N GLN B 226 -3.99 -12.93 -42.84
CA GLN B 226 -4.06 -13.37 -41.44
C GLN B 226 -3.20 -12.49 -40.56
N LEU B 227 -3.48 -12.55 -39.27
CA LEU B 227 -2.63 -11.89 -38.29
C LEU B 227 -1.30 -12.63 -38.15
N THR B 228 -0.23 -11.87 -37.99
CA THR B 228 1.06 -12.42 -37.62
C THR B 228 1.09 -12.76 -36.13
N ASP B 229 2.09 -13.55 -35.75
CA ASP B 229 2.26 -13.89 -34.35
C ASP B 229 2.52 -12.64 -33.52
N GLU B 230 3.36 -11.74 -34.03
CA GLU B 230 3.62 -10.47 -33.36
C GLU B 230 2.32 -9.69 -33.15
N GLU B 231 1.51 -9.56 -34.20
CA GLU B 231 0.20 -8.93 -34.05
C GLU B 231 -0.66 -9.64 -33.00
N ILE B 232 -0.58 -10.97 -32.93
CA ILE B 232 -1.40 -11.70 -31.98
C ILE B 232 -0.93 -11.45 -30.56
N VAL B 233 0.38 -11.40 -30.37
CA VAL B 233 0.93 -11.12 -29.05
C VAL B 233 0.53 -9.71 -28.60
N GLY B 234 0.66 -8.74 -29.50
CA GLY B 234 0.27 -7.37 -29.15
C GLY B 234 -1.22 -7.22 -28.85
N PHE B 235 -2.06 -7.89 -29.63
CA PHE B 235 -3.49 -7.90 -29.35
C PHE B 235 -3.83 -8.54 -28.00
N SER B 236 -3.14 -9.62 -27.62
CA SER B 236 -3.45 -10.30 -26.37
C SER B 236 -3.10 -9.41 -25.19
N ILE B 237 -1.96 -8.74 -25.25
CA ILE B 237 -1.60 -7.76 -24.23
C ILE B 237 -2.64 -6.64 -24.18
N LEU B 238 -3.08 -6.16 -25.34
CA LEU B 238 -4.12 -5.13 -25.36
C LEU B 238 -5.37 -5.58 -24.58
N LEU B 239 -5.73 -6.87 -24.65
CA LEU B 239 -6.97 -7.31 -24.01
C LEU B 239 -6.90 -7.11 -22.50
N LEU B 240 -5.71 -7.38 -21.93
CA LEU B 240 -5.44 -7.12 -20.52
C LEU B 240 -5.58 -5.63 -20.20
N ILE B 241 -4.87 -4.80 -20.96
CA ILE B 241 -4.82 -3.36 -20.71
C ILE B 241 -6.22 -2.76 -20.87
N ALA B 242 -6.90 -3.09 -21.96
CA ALA B 242 -8.21 -2.50 -22.28
C ALA B 242 -9.30 -3.02 -21.34
N GLY B 243 -9.26 -4.32 -21.01
CA GLY B 243 -10.41 -5.01 -20.43
C GLY B 243 -10.44 -5.28 -18.93
N ASN B 244 -9.27 -5.29 -18.28
CA ASN B 244 -9.13 -5.70 -16.88
C ASN B 244 -9.68 -4.68 -15.88
N GLU B 245 -9.03 -3.52 -15.82
CA GLU B 245 -9.36 -2.51 -14.83
C GLU B 245 -10.72 -1.89 -15.11
N THR B 246 -11.07 -1.75 -16.39
CA THR B 246 -12.39 -1.24 -16.77
C THR B 246 -13.51 -2.14 -16.27
N THR B 247 -13.38 -3.44 -16.53
CA THR B 247 -14.39 -4.40 -16.09
C THR B 247 -14.43 -4.46 -14.57
N THR B 248 -13.25 -4.49 -13.93
CA THR B 248 -13.18 -4.32 -12.48
C THR B 248 -13.99 -3.11 -12.03
N ASN B 249 -13.75 -1.97 -12.65
CA ASN B 249 -14.40 -0.76 -12.18
C ASN B 249 -15.90 -0.78 -12.42
N LEU B 250 -16.36 -1.40 -13.53
CA LEU B 250 -17.80 -1.56 -13.73
C LEU B 250 -18.44 -2.37 -12.60
N ILE B 251 -17.82 -3.48 -12.18
CA ILE B 251 -18.44 -4.29 -11.14
C ILE B 251 -18.47 -3.54 -9.83
N SER B 252 -17.33 -2.94 -9.45
CA SER B 252 -17.25 -2.12 -8.25
C SER B 252 -18.25 -0.98 -8.30
N ASN B 253 -18.27 -0.24 -9.40
CA ASN B 253 -19.20 0.88 -9.51
C ASN B 253 -20.62 0.40 -9.42
N THR B 254 -20.92 -0.83 -9.88
CA THR B 254 -22.29 -1.29 -9.79
C THR B 254 -22.70 -1.60 -8.36
N ILE B 255 -21.82 -2.23 -7.57
CA ILE B 255 -22.16 -2.51 -6.18
C ILE B 255 -22.36 -1.18 -5.44
N TYR B 256 -21.45 -0.25 -5.64
CA TYR B 256 -21.62 1.08 -5.04
C TYR B 256 -23.00 1.67 -5.35
N CYS B 257 -23.43 1.64 -6.62
CA CYS B 257 -24.71 2.27 -6.97
C CYS B 257 -25.88 1.57 -6.29
N LEU B 258 -25.78 0.25 -6.13
CA LEU B 258 -26.86 -0.52 -5.53
C LEU B 258 -26.94 -0.29 -4.03
N MET B 259 -25.78 -0.15 -3.39
CA MET B 259 -25.77 0.19 -1.98
C MET B 259 -26.28 1.62 -1.75
N GLU B 260 -25.92 2.55 -2.63
CA GLU B 260 -26.39 3.93 -2.57
C GLU B 260 -27.92 4.04 -2.68
N ASP B 261 -28.53 3.26 -3.58
CA ASP B 261 -29.96 3.33 -3.85
C ASP B 261 -30.59 1.96 -3.59
N LYS B 262 -31.03 1.76 -2.34
CA LYS B 262 -31.48 0.44 -1.92
C LYS B 262 -32.77 0.02 -2.61
N ALA B 263 -33.59 0.97 -3.05
CA ALA B 263 -34.79 0.58 -3.80
C ALA B 263 -34.42 -0.15 -5.08
N SER B 264 -33.29 0.22 -5.71
CA SER B 264 -32.86 -0.51 -6.90
C SER B 264 -32.41 -1.92 -6.53
N PHE B 265 -31.57 -2.04 -5.50
CA PHE B 265 -31.14 -3.35 -5.04
C PHE B 265 -32.35 -4.26 -4.83
N GLU B 266 -33.40 -3.69 -4.22
CA GLU B 266 -34.54 -4.51 -3.84
C GLU B 266 -35.32 -4.94 -5.07
N ARG B 267 -35.39 -4.08 -6.09
CA ARG B 267 -36.10 -4.49 -7.28
C ARG B 267 -35.32 -5.56 -8.03
N LEU B 268 -34.00 -5.38 -8.17
CA LEU B 268 -33.16 -6.41 -8.78
C LEU B 268 -33.33 -7.77 -8.10
N LYS B 269 -33.50 -7.79 -6.77
CA LYS B 269 -33.78 -9.05 -6.09
C LYS B 269 -35.09 -9.70 -6.56
N ARG B 270 -36.08 -8.89 -6.96
CA ARG B 270 -37.34 -9.45 -7.45
C ARG B 270 -37.35 -9.73 -8.95
N GLU B 271 -36.57 -9.02 -9.75
CA GLU B 271 -36.59 -9.14 -11.22
C GLU B 271 -35.17 -9.40 -11.72
N LYS B 272 -34.78 -10.66 -11.78
CA LYS B 272 -33.42 -10.97 -12.18
C LYS B 272 -33.14 -10.52 -13.60
N GLU B 273 -34.18 -10.44 -14.44
CA GLU B 273 -34.03 -10.02 -15.84
C GLU B 273 -33.80 -8.51 -15.99
N LEU B 274 -33.95 -7.74 -14.93
CA LEU B 274 -33.63 -6.32 -14.97
C LEU B 274 -32.14 -6.06 -14.81
N LEU B 275 -31.37 -7.00 -14.30
CA LEU B 275 -29.96 -6.74 -14.04
C LEU B 275 -29.21 -6.19 -15.26
N PRO B 276 -29.35 -6.74 -16.48
CA PRO B 276 -28.60 -6.17 -17.61
C PRO B 276 -28.88 -4.68 -17.87
N SER B 277 -30.15 -4.27 -17.83
CA SER B 277 -30.48 -2.85 -17.96
C SER B 277 -29.87 -2.03 -16.84
N GLY B 278 -29.77 -2.59 -15.64
CA GLY B 278 -29.18 -1.86 -14.53
C GLY B 278 -27.68 -1.67 -14.69
N ILE B 279 -27.01 -2.68 -15.27
CA ILE B 279 -25.60 -2.56 -15.65
C ILE B 279 -25.42 -1.48 -16.73
N GLU B 280 -26.33 -1.42 -17.71
CA GLU B 280 -26.26 -0.34 -18.70
C GLU B 280 -26.40 1.03 -18.04
N GLU B 281 -27.17 1.15 -16.96
CA GLU B 281 -27.28 2.45 -16.29
C GLU B 281 -26.07 2.74 -15.42
N VAL B 282 -25.36 1.72 -14.90
CA VAL B 282 -24.08 2.05 -14.31
C VAL B 282 -23.10 2.52 -15.39
N LEU B 283 -23.09 1.87 -16.56
CA LEU B 283 -22.19 2.29 -17.63
C LEU B 283 -22.42 3.76 -18.00
N ARG B 284 -23.66 4.23 -17.93
CA ARG B 284 -23.96 5.64 -18.19
C ARG B 284 -23.54 6.51 -17.03
N TYR B 285 -23.93 6.11 -15.81
CA TYR B 285 -23.90 6.97 -14.61
C TYR B 285 -22.54 7.01 -13.95
N ARG B 286 -21.80 5.86 -13.93
CA ARG B 286 -20.47 5.77 -13.31
C ARG B 286 -19.53 5.02 -14.25
N SER B 287 -19.28 5.66 -15.36
CA SER B 287 -18.59 5.08 -16.49
C SER B 287 -17.16 4.78 -16.14
N PRO B 288 -16.70 3.51 -16.29
CA PRO B 288 -15.31 3.19 -15.95
C PRO B 288 -14.28 4.05 -16.67
N VAL B 289 -14.54 4.47 -17.90
CA VAL B 289 -13.66 5.32 -18.70
C VAL B 289 -14.41 6.65 -18.92
N GLN B 290 -13.89 7.74 -18.36
CA GLN B 290 -14.59 9.02 -18.47
C GLN B 290 -14.29 9.79 -19.75
N ALA B 291 -13.16 9.54 -20.39
CA ALA B 291 -12.68 10.37 -21.48
C ALA B 291 -11.70 9.54 -22.30
N LEU B 292 -11.51 9.93 -23.56
CA LEU B 292 -10.49 9.35 -24.45
C LEU B 292 -9.65 10.48 -25.07
N HIS B 293 -8.69 10.10 -25.90
CA HIS B 293 -7.87 11.02 -26.67
C HIS B 293 -8.07 10.85 -28.16
N ARG B 294 -8.05 11.97 -28.86
CA ARG B 294 -7.99 12.01 -30.31
C ARG B 294 -7.08 13.16 -30.74
N ILE B 295 -6.71 13.13 -32.02
CA ILE B 295 -5.94 14.18 -32.65
C ILE B 295 -6.73 14.60 -33.88
N VAL B 296 -6.77 15.90 -34.12
CA VAL B 296 -7.48 16.43 -35.29
C VAL B 296 -6.67 16.09 -36.53
N LYS B 297 -7.31 15.44 -37.48
CA LYS B 297 -6.70 15.07 -38.74
C LYS B 297 -6.92 16.12 -39.84
N GLU B 298 -8.04 16.82 -39.79
CA GLU B 298 -8.27 17.91 -40.74
C GLU B 298 -9.23 18.90 -40.12
N ASP B 299 -9.05 20.17 -40.47
CA ASP B 299 -9.78 21.27 -39.83
C ASP B 299 -11.28 20.97 -39.78
N VAL B 300 -11.88 21.31 -38.66
CA VAL B 300 -13.30 21.11 -38.41
C VAL B 300 -13.79 22.16 -37.41
N THR B 301 -15.06 22.50 -37.52
CA THR B 301 -15.73 23.33 -36.51
C THR B 301 -16.67 22.50 -35.68
N LEU B 302 -16.64 22.74 -34.37
CA LEU B 302 -17.41 21.99 -33.40
C LEU B 302 -17.96 22.98 -32.40
N ALA B 303 -19.28 23.06 -32.33
CA ALA B 303 -19.97 23.99 -31.43
C ALA B 303 -19.40 25.41 -31.57
N GLY B 304 -19.17 25.81 -32.80
CA GLY B 304 -18.68 27.17 -33.06
C GLY B 304 -17.19 27.38 -32.89
N LYS B 305 -16.43 26.35 -32.50
CA LYS B 305 -14.99 26.45 -32.35
C LYS B 305 -14.29 25.80 -33.53
N LYS B 306 -13.36 26.54 -34.13
CA LYS B 306 -12.48 25.96 -35.16
C LYS B 306 -11.36 25.17 -34.49
N LEU B 307 -11.29 23.90 -34.82
CA LEU B 307 -10.25 22.98 -34.37
C LEU B 307 -9.27 22.76 -35.53
N LYS B 308 -7.97 22.80 -35.25
CA LYS B 308 -7.01 22.76 -36.33
C LYS B 308 -6.32 21.40 -36.39
N ALA B 309 -6.01 20.96 -37.61
CA ALA B 309 -5.18 19.77 -37.78
C ALA B 309 -3.97 19.77 -36.84
N GLY B 310 -3.77 18.63 -36.18
CA GLY B 310 -2.68 18.46 -35.25
C GLY B 310 -3.01 18.76 -33.81
N GLU B 311 -4.13 19.42 -33.54
CA GLU B 311 -4.54 19.69 -32.17
C GLU B 311 -5.14 18.46 -31.48
N HIS B 312 -4.90 18.36 -30.20
CA HIS B 312 -5.36 17.23 -29.40
C HIS B 312 -6.73 17.53 -28.82
N VAL B 313 -7.58 16.51 -28.79
CA VAL B 313 -8.97 16.63 -28.35
C VAL B 313 -9.24 15.56 -27.30
N VAL B 314 -9.98 15.94 -26.27
CA VAL B 314 -10.37 15.03 -25.21
C VAL B 314 -11.88 15.07 -25.11
N PRO B 315 -12.60 14.09 -25.67
CA PRO B 315 -14.03 14.02 -25.40
C PRO B 315 -14.33 13.34 -24.07
N TRP B 316 -15.23 13.94 -23.30
CA TRP B 316 -15.59 13.44 -21.98
C TRP B 316 -16.91 12.69 -22.08
N MET B 317 -16.81 11.37 -22.32
CA MET B 317 -18.03 10.57 -22.32
C MET B 317 -18.75 10.68 -20.99
N GLY B 318 -17.99 10.83 -19.87
CA GLY B 318 -18.63 10.95 -18.56
C GLY B 318 -19.60 12.12 -18.51
N SER B 319 -19.27 13.22 -19.21
CA SER B 319 -20.13 14.40 -19.30
C SER B 319 -21.26 14.19 -20.31
N ALA B 320 -20.95 13.68 -21.51
CA ALA B 320 -22.00 13.37 -22.48
C ALA B 320 -23.13 12.59 -21.85
N HIS B 321 -22.78 11.68 -20.93
CA HIS B 321 -23.75 10.78 -20.30
C HIS B 321 -24.67 11.49 -19.32
N ARG B 322 -24.43 12.77 -19.01
CA ARG B 322 -25.33 13.55 -18.16
C ARG B 322 -26.03 14.65 -18.97
N ASP B 323 -26.01 14.56 -20.29
CA ASP B 323 -26.57 15.58 -21.17
C ASP B 323 -28.08 15.42 -21.22
N ALA B 324 -28.82 16.45 -20.76
CA ALA B 324 -30.27 16.36 -20.56
C ALA B 324 -31.06 16.15 -21.85
N GLU B 325 -30.48 16.46 -23.01
CA GLU B 325 -31.16 16.17 -24.26
C GLU B 325 -31.09 14.72 -24.68
N TYR B 326 -30.23 13.94 -24.05
CA TYR B 326 -30.21 12.53 -24.33
C TYR B 326 -30.74 11.67 -23.18
N PHE B 327 -30.71 12.19 -21.97
CA PHE B 327 -30.97 11.41 -20.77
C PHE B 327 -31.90 12.23 -19.86
N GLU B 328 -33.21 12.01 -19.96
CA GLU B 328 -34.15 12.77 -19.13
C GLU B 328 -33.84 12.55 -17.65
N ASP B 329 -33.78 13.63 -16.86
CA ASP B 329 -33.38 13.53 -15.46
C ASP B 329 -31.97 12.93 -15.39
N PRO B 330 -30.99 13.56 -16.05
CA PRO B 330 -29.64 12.98 -16.15
C PRO B 330 -28.97 12.61 -14.83
N GLU B 331 -29.25 13.32 -13.75
CA GLU B 331 -28.51 13.12 -12.51
C GLU B 331 -29.11 12.02 -11.67
N VAL B 332 -30.13 11.35 -12.16
CA VAL B 332 -30.84 10.31 -11.43
C VAL B 332 -30.43 8.94 -11.98
N PHE B 333 -30.20 8.00 -11.06
CA PHE B 333 -29.89 6.61 -11.40
C PHE B 333 -31.20 5.83 -11.51
N LYS B 334 -31.51 5.30 -12.71
CA LYS B 334 -32.78 4.66 -13.01
C LYS B 334 -32.48 3.27 -13.60
N ILE B 335 -32.61 2.22 -12.79
CA ILE B 335 -32.12 0.91 -13.22
C ILE B 335 -32.80 0.44 -14.48
N ASP B 336 -34.01 0.93 -14.74
CA ASP B 336 -34.80 0.61 -15.91
C ASP B 336 -34.75 1.70 -16.97
N ARG B 337 -33.77 2.61 -16.90
CA ARG B 337 -33.70 3.71 -17.86
C ARG B 337 -33.83 3.27 -19.30
N LYS B 338 -34.74 3.93 -20.01
CA LYS B 338 -34.91 3.84 -21.44
C LYS B 338 -35.33 5.24 -21.94
N PRO B 339 -34.75 5.73 -23.05
CA PRO B 339 -33.62 5.14 -23.79
C PRO B 339 -32.34 5.24 -22.96
N ASN B 340 -31.31 4.51 -23.32
CA ASN B 340 -30.02 4.73 -22.65
C ASN B 340 -28.91 4.55 -23.69
N VAL B 341 -28.70 5.58 -24.52
CA VAL B 341 -27.73 5.45 -25.61
C VAL B 341 -26.38 6.01 -25.17
N HIS B 342 -25.75 5.34 -24.21
CA HIS B 342 -24.48 5.83 -23.68
C HIS B 342 -23.36 5.45 -24.62
N MET B 343 -22.21 6.10 -24.44
CA MET B 343 -21.01 5.78 -25.20
C MET B 343 -19.88 5.29 -24.28
N ALA B 344 -20.25 4.56 -23.23
CA ALA B 344 -19.26 4.02 -22.29
C ALA B 344 -18.23 3.15 -22.99
N PHE B 345 -18.65 2.46 -24.06
CA PHE B 345 -17.80 1.60 -24.87
C PHE B 345 -17.27 2.28 -26.12
N GLY B 346 -17.32 3.59 -26.19
CA GLY B 346 -16.88 4.31 -27.36
C GLY B 346 -17.99 4.38 -28.39
N ARG B 347 -17.61 4.65 -29.62
CA ARG B 347 -18.57 4.79 -30.70
C ARG B 347 -17.86 4.91 -32.05
N GLY B 348 -18.41 4.23 -33.06
CA GLY B 348 -17.77 4.12 -34.38
C GLY B 348 -16.81 2.95 -34.48
N ILE B 349 -15.79 3.09 -35.33
CA ILE B 349 -14.98 1.92 -35.69
C ILE B 349 -14.23 1.33 -34.49
N HIS B 350 -13.92 2.13 -33.46
CA HIS B 350 -13.14 1.60 -32.34
C HIS B 350 -14.03 1.12 -31.21
N PHE B 351 -15.33 1.04 -31.44
CA PHE B 351 -16.27 0.62 -30.40
C PHE B 351 -15.81 -0.67 -29.73
N CYS B 352 -15.89 -0.69 -28.39
CA CYS B 352 -15.27 -1.73 -27.57
C CYS B 352 -15.53 -3.13 -28.09
N LEU B 353 -14.46 -3.82 -28.49
CA LEU B 353 -14.55 -5.24 -28.87
C LEU B 353 -14.99 -6.11 -27.69
N GLY B 354 -14.69 -5.71 -26.46
CA GLY B 354 -14.95 -6.50 -25.29
C GLY B 354 -16.30 -6.31 -24.69
N ALA B 355 -17.13 -5.43 -25.27
CA ALA B 355 -18.39 -5.07 -24.64
C ALA B 355 -19.23 -6.28 -24.26
N PRO B 356 -19.45 -7.26 -25.13
CA PRO B 356 -20.26 -8.43 -24.69
C PRO B 356 -19.63 -9.15 -23.55
N LEU B 357 -18.28 -9.26 -23.54
CA LEU B 357 -17.60 -9.95 -22.45
C LEU B 357 -17.72 -9.17 -21.15
N ALA B 358 -17.46 -7.85 -21.19
CA ALA B 358 -17.62 -7.02 -20.01
C ALA B 358 -19.04 -7.11 -19.46
N ARG B 359 -20.03 -7.11 -20.31
CA ARG B 359 -21.39 -7.19 -19.89
C ARG B 359 -21.70 -8.52 -19.22
N ILE B 360 -21.19 -9.63 -19.74
CA ILE B 360 -21.43 -10.94 -19.20
C ILE B 360 -20.68 -11.17 -17.89
N GLU B 361 -19.46 -10.69 -17.80
CA GLU B 361 -18.68 -10.78 -16.61
C GLU B 361 -19.39 -10.06 -15.46
N ALA B 362 -19.78 -8.82 -15.69
CA ALA B 362 -20.49 -8.07 -14.67
C ALA B 362 -21.81 -8.73 -14.28
N LYS B 363 -22.57 -9.18 -15.26
CA LYS B 363 -23.87 -9.76 -14.94
C LYS B 363 -23.74 -11.02 -14.08
N ILE B 364 -22.79 -11.89 -14.42
CA ILE B 364 -22.65 -13.16 -13.71
C ILE B 364 -22.17 -12.92 -12.28
N MET B 365 -21.18 -12.05 -12.10
CA MET B 365 -20.70 -11.75 -10.76
C MET B 365 -21.79 -11.09 -9.93
N LEU B 366 -22.41 -10.03 -10.45
CA LEU B 366 -23.39 -9.28 -9.69
C LEU B 366 -24.62 -10.12 -9.36
N ALA B 367 -25.05 -10.97 -10.29
CA ALA B 367 -26.22 -11.81 -10.04
C ALA B 367 -25.95 -12.83 -8.93
N GLU B 368 -24.74 -13.37 -8.87
CA GLU B 368 -24.45 -14.30 -7.79
C GLU B 368 -24.37 -13.57 -6.45
N LEU B 369 -23.80 -12.35 -6.44
CA LEU B 369 -23.76 -11.52 -5.23
C LEU B 369 -25.15 -11.16 -4.75
N ILE B 370 -25.97 -10.60 -5.62
CA ILE B 370 -27.35 -10.28 -5.29
C ILE B 370 -28.05 -11.50 -4.71
N ASP B 371 -27.83 -12.65 -5.33
CA ASP B 371 -28.58 -13.84 -4.94
C ASP B 371 -28.08 -14.39 -3.61
N ARG B 372 -26.75 -14.38 -3.40
CA ARG B 372 -26.18 -14.93 -2.18
C ARG B 372 -26.41 -14.03 -0.97
N TYR B 373 -26.28 -12.72 -1.14
CA TYR B 373 -26.17 -11.77 -0.03
C TYR B 373 -27.27 -10.72 -0.13
N PRO B 374 -28.54 -11.15 -0.06
CA PRO B 374 -29.65 -10.19 -0.22
C PRO B 374 -29.73 -9.11 0.85
N GLN B 375 -29.11 -9.27 2.01
CA GLN B 375 -29.09 -8.23 3.01
C GLN B 375 -27.77 -7.47 3.09
N MET B 376 -26.89 -7.63 2.10
CA MET B 376 -25.63 -6.89 2.13
C MET B 376 -25.88 -5.39 2.25
N ASP B 377 -24.97 -4.74 2.95
CA ASP B 377 -24.99 -3.32 3.16
C ASP B 377 -23.53 -2.89 3.24
N TRP B 378 -23.31 -1.57 3.23
CA TRP B 378 -22.01 -1.04 3.57
C TRP B 378 -21.54 -1.69 4.85
N SER B 379 -20.24 -1.91 4.94
CA SER B 379 -19.73 -2.34 6.22
C SER B 379 -19.70 -1.11 7.14
N PRO B 380 -19.67 -1.32 8.46
CA PRO B 380 -19.54 -0.17 9.36
C PRO B 380 -18.21 0.56 9.22
N SER B 381 -17.22 -0.09 8.64
CA SER B 381 -15.94 0.54 8.35
C SER B 381 -15.81 1.01 6.89
N PHE B 382 -16.89 0.94 6.10
CA PHE B 382 -16.80 1.33 4.70
C PHE B 382 -16.23 2.74 4.59
N GLU B 383 -15.39 2.94 3.59
CA GLU B 383 -14.86 4.25 3.29
C GLU B 383 -14.82 4.43 1.78
N LEU B 384 -15.31 5.58 1.32
CA LEU B 384 -15.18 6.00 -0.07
C LEU B 384 -13.73 6.30 -0.40
N LYS B 385 -13.12 5.48 -1.26
CA LYS B 385 -11.72 5.66 -1.66
C LYS B 385 -11.58 5.58 -3.17
N PRO B 386 -11.85 6.67 -3.89
CA PRO B 386 -11.85 6.60 -5.34
C PRO B 386 -10.44 6.55 -5.92
N ILE B 387 -10.33 5.91 -7.08
CA ILE B 387 -9.09 5.93 -7.83
C ILE B 387 -8.71 7.38 -8.16
N GLU B 388 -7.42 7.67 -8.08
CA GLU B 388 -6.87 9.02 -8.28
C GLU B 388 -6.60 9.22 -9.77
N SER B 389 -7.66 9.51 -10.51
CA SER B 389 -7.55 9.77 -11.93
C SER B 389 -8.82 10.43 -12.40
N THR B 390 -8.66 11.30 -13.40
CA THR B 390 -9.80 11.97 -14.01
C THR B 390 -10.38 11.19 -15.18
N PHE B 391 -9.58 10.27 -15.77
CA PHE B 391 -9.99 9.42 -16.87
C PHE B 391 -10.56 8.09 -16.39
N VAL B 392 -9.96 7.48 -15.36
CA VAL B 392 -10.35 6.17 -14.83
C VAL B 392 -11.23 6.40 -13.61
N TYR B 393 -12.52 6.01 -13.69
CA TYR B 393 -13.49 6.27 -12.64
C TYR B 393 -13.83 4.97 -11.90
N GLY B 394 -13.36 4.85 -10.67
CA GLY B 394 -13.71 3.68 -9.87
C GLY B 394 -13.18 3.78 -8.46
N LEU B 395 -13.18 2.63 -7.78
CA LEU B 395 -12.96 2.55 -6.35
C LEU B 395 -11.76 1.65 -6.06
N LYS B 396 -10.93 2.06 -5.10
CA LYS B 396 -9.76 1.28 -4.74
C LYS B 396 -10.19 0.17 -3.82
N GLU B 397 -11.25 0.37 -3.06
CA GLU B 397 -11.80 -0.62 -2.15
C GLU B 397 -13.26 -0.37 -1.93
N LEU B 398 -13.96 -1.38 -1.49
CA LEU B 398 -15.37 -1.29 -1.25
C LEU B 398 -15.83 -2.31 -0.21
N LEU B 399 -15.70 -1.97 1.06
CA LEU B 399 -16.06 -2.84 2.14
C LEU B 399 -17.53 -3.07 2.31
N ILE B 400 -17.88 -4.33 2.34
CA ILE B 400 -19.26 -4.76 2.37
C ILE B 400 -19.47 -5.75 3.52
N ARG B 401 -20.60 -5.60 4.20
CA ARG B 401 -21.07 -6.60 5.16
C ARG B 401 -22.11 -7.48 4.52
N LYS B 402 -21.96 -8.80 4.63
CA LYS B 402 -22.89 -9.70 3.97
C LYS B 402 -24.23 -9.82 4.70
N ASN B 403 -24.23 -9.85 6.03
CA ASN B 403 -25.45 -10.10 6.82
C ASN B 403 -26.13 -11.41 6.42
N VAL B 404 -25.35 -12.48 6.43
CA VAL B 404 -25.94 -13.79 6.18
C VAL B 404 -26.95 -14.10 7.30
CHA HEM C . 10.05 5.87 23.85
CHB HEM C . 11.44 1.47 22.22
CHC HEM C . 8.13 1.62 18.73
CHD HEM C . 7.13 6.17 20.06
C1A HEM C . 10.67 4.63 23.73
C2A HEM C . 11.64 4.09 24.65
C3A HEM C . 12.03 2.89 24.20
C4A HEM C . 11.30 2.61 22.97
CMA HEM C . 13.06 1.95 24.86
CAA HEM C . 12.16 4.79 25.93
CBA HEM C . 13.01 6.02 25.63
CGA HEM C . 13.79 6.49 26.83
O1A HEM C . 13.46 6.12 27.97
O2A HEM C . 14.76 7.24 26.68
C1B HEM C . 10.65 1.08 21.16
C2B HEM C . 10.62 -0.23 20.51
C3B HEM C . 9.70 -0.15 19.54
C4B HEM C . 9.15 1.19 19.53
CMB HEM C . 11.47 -1.44 20.93
CAB HEM C . 9.21 -1.23 18.55
CBB HEM C . 9.30 -2.55 18.80
C1C HEM C . 7.56 2.87 18.79
C2C HEM C . 6.59 3.40 17.87
C3C HEM C . 6.31 4.63 18.25
C4C HEM C . 7.11 4.97 19.40
CMC HEM C . 5.94 2.67 16.68
CAC HEM C . 5.33 5.52 17.48
CBC HEM C . 4.26 6.02 18.09
C1D HEM C . 7.82 6.49 21.20
C2D HEM C . 7.75 7.78 21.87
C3D HEM C . 8.56 7.71 22.94
C4D HEM C . 9.17 6.38 22.94
CMD HEM C . 6.89 8.95 21.35
CAD HEM C . 8.86 8.80 24.00
CBD HEM C . 7.92 8.65 25.21
CGD HEM C . 8.26 9.60 26.35
O1D HEM C . 7.39 9.86 27.21
O2D HEM C . 9.41 10.10 26.46
NA HEM C . 10.46 3.71 22.71
NB HEM C . 9.76 1.91 20.53
NC HEM C . 7.87 3.86 19.71
ND HEM C . 8.71 5.69 21.86
FE HEM C . 9.10 3.76 21.22
C1 C0R D . 14.04 5.44 20.37
C2 C0R D . 12.85 4.49 20.52
C3 C0R D . 11.49 4.98 19.83
C4 C0R D . 11.64 6.00 18.59
C5 C0R D . 13.02 6.57 18.27
C6 C0R D . 13.19 7.52 17.02
C7 C0R D . 14.02 8.85 17.46
C8 C0R D . 15.32 8.49 18.17
C9 C0R D . 15.12 7.48 19.39
C10 C0R D . 14.29 6.19 19.10
C11 C0R D . 16.55 7.26 20.10
C12 C0R D . 17.28 8.68 20.46
C13 C0R D . 17.47 9.61 19.29
C14 C0R D . 16.01 9.81 18.55
C15 C0R D . 16.28 10.62 17.54
C16 C0R D . 17.34 11.67 18.16
C17 C0R D . 17.79 10.89 19.60
C18 C0R D . 18.51 9.02 18.28
C19 C0R D . 15.02 5.24 18.14
C20 C0R D . 19.28 11.17 19.96
C21 C0R D . 19.73 11.49 21.39
O1 C0R D . 10.36 4.58 20.09
O2 C0R D . 17.35 6.54 19.30
O3 C0R D . 20.12 11.17 19.07
O4 C0R D . 21.15 11.51 21.38
C1 MLA E . 17.39 7.76 24.86
O1A MLA E . 17.95 7.53 25.90
O1B MLA E . 16.19 7.94 24.81
C2 MLA E . 18.12 7.79 23.56
C3 MLA E . 19.58 8.03 23.75
O3A MLA E . 20.32 7.06 23.78
O3B MLA E . 19.97 9.18 23.84
CHA HEM F . -12.09 -0.24 -27.02
CHB HEM F . -14.23 0.83 -22.77
CHC HEM F . -13.94 -3.81 -21.37
CHD HEM F . -11.20 -4.64 -25.29
C1A HEM F . -12.74 0.45 -26.02
C2A HEM F . -13.16 1.85 -26.07
C3A HEM F . -13.72 2.12 -24.89
C4A HEM F . -13.73 0.94 -24.05
CMA HEM F . -14.33 3.43 -24.48
CAA HEM F . -12.99 2.77 -27.29
CBA HEM F . -11.57 3.35 -27.31
CGA HEM F . -11.47 4.45 -28.34
O1A HEM F . -12.44 4.75 -29.07
O2A HEM F . -10.35 5.02 -28.46
C1B HEM F . -14.40 -0.32 -22.04
C2B HEM F . -15.18 -0.49 -20.83
C3B HEM F . -15.07 -1.77 -20.46
C4B HEM F . -14.24 -2.45 -21.40
CMB HEM F . -15.97 0.64 -20.16
CAB HEM F . -15.68 -2.53 -19.29
CBB HEM F . -16.80 -2.15 -18.67
C1C HEM F . -13.22 -4.49 -22.31
C2C HEM F . -12.89 -5.91 -22.34
C3C HEM F . -12.13 -6.11 -23.42
C4C HEM F . -11.94 -4.83 -24.12
CMC HEM F . -13.37 -6.90 -21.27
CAC HEM F . -11.52 -7.39 -24.00
CBC HEM F . -11.36 -8.54 -23.37
C1D HEM F . -11.16 -3.55 -26.12
C2D HEM F . -10.43 -3.40 -27.39
C3D HEM F . -10.69 -2.18 -27.86
C4D HEM F . -11.57 -1.51 -26.94
CMD HEM F . -9.55 -4.48 -28.09
CAD HEM F . -10.18 -1.58 -29.20
CBD HEM F . -11.19 -1.85 -30.29
CGD HEM F . -10.71 -1.19 -31.56
O1D HEM F . -11.24 -1.52 -32.66
O2D HEM F . -9.79 -0.34 -31.48
NA HEM F . -13.10 -0.03 -24.79
NB HEM F . -13.85 -1.53 -22.34
NC HEM F . -12.63 -3.91 -23.39
ND HEM F . -11.81 -2.35 -25.89
FE HEM F . -12.98 -2.04 -24.28
#